data_6ONW
#
_entry.id   6ONW
#
_cell.length_a   69.773
_cell.length_b   74.079
_cell.length_c   194.589
_cell.angle_alpha   90.000
_cell.angle_beta   90.000
_cell.angle_gamma   90.000
#
_symmetry.space_group_name_H-M   'P 21 21 21'
#
loop_
_entity.id
_entity.type
_entity.pdbx_description
1 polymer 'Sel1 repeat protein'
2 non-polymer DI(HYDROXYETHYL)ETHER
3 non-polymer 1,2-ETHANEDIOL
4 water water
#
_entity_poly.entity_id   1
_entity_poly.type   'polypeptide(L)'
_entity_poly.pdbx_seq_one_letter_code
;GSEKKLDALLA(MSE)PVKETKVFVESNEEPLFV(MSE)LKSSLSEETDETVGKPVVSEKTAEPGQDNDGETGGAW
(MSE)QQLRHQADQGDAKSAFWLGRFTVEDSRDGKTIDEGIRLIRRSAEGGFVRAQLYLGTLYANGTHVKADPHEAEKWL
SRAAGQGSP(MSE)VQLYLGL(MSE)YGHGKGVPRDLNKSLFWVEKAADRGLPHAQLARGLFASFSHYYPRDDEKAVLYL
TKAAKQG(MSE)P(MSE)AQFYLAL(MSE)YQRGRGVEQSNEQALHWN(MSE)LAAEQGYPDAEYA(MSE)SR(MSE)AE
LGIGVTADKAWS(MSE)(MSE)WLDRAAHHG(MSE)PLAQYL(MSE)G(MSE)AYLEGKSVPQDLPVAAAWFYKAA
(MSE)QGNADAQLRLGY(MSE)YARGIGVPVDKPKAVAWLEKAASAGNTVAGQWLKQLD
;
_entity_poly.pdbx_strand_id   A,B
#
# COMPACT_ATOMS: atom_id res chain seq x y z
N LEU A 6 -17.83 -9.29 -33.49
CA LEU A 6 -16.73 -8.52 -32.91
C LEU A 6 -15.57 -9.43 -32.53
N ASP A 7 -14.67 -9.66 -33.49
CA ASP A 7 -13.50 -10.51 -33.29
C ASP A 7 -12.20 -9.73 -33.20
N ALA A 8 -12.25 -8.39 -33.29
CA ALA A 8 -11.05 -7.59 -33.15
C ALA A 8 -10.48 -7.63 -31.73
N LEU A 9 -11.32 -7.95 -30.74
CA LEU A 9 -10.82 -8.06 -29.37
C LEU A 9 -10.01 -9.33 -29.17
N LEU A 10 -10.37 -10.41 -29.88
CA LEU A 10 -9.64 -11.67 -29.77
C LEU A 10 -8.36 -11.69 -30.59
N ALA A 11 -8.23 -10.79 -31.57
CA ALA A 11 -7.10 -10.83 -32.51
C ALA A 11 -5.80 -10.32 -31.91
N PRO A 13 -2.42 -10.07 -29.81
CA PRO A 13 -1.48 -11.08 -29.30
C PRO A 13 -1.51 -11.14 -27.79
N VAL A 14 -1.49 -12.36 -27.26
CA VAL A 14 -1.52 -12.59 -25.82
C VAL A 14 -0.10 -12.57 -25.28
N LYS A 15 0.07 -11.99 -24.10
CA LYS A 15 1.38 -11.84 -23.47
C LYS A 15 1.68 -13.09 -22.65
N GLU A 16 2.67 -13.86 -23.09
CA GLU A 16 3.07 -15.06 -22.36
C GLU A 16 3.91 -14.66 -21.15
N THR A 17 3.50 -15.15 -19.98
CA THR A 17 4.19 -14.83 -18.73
C THR A 17 5.08 -15.98 -18.30
N LYS A 18 6.01 -15.67 -17.39
CA LYS A 18 6.88 -16.69 -16.84
C LYS A 18 6.08 -17.63 -15.94
N VAL A 19 6.65 -18.80 -15.66
CA VAL A 19 5.98 -19.80 -14.84
C VAL A 19 5.71 -19.24 -13.44
N PHE A 20 6.71 -18.61 -12.85
CA PHE A 20 6.57 -17.94 -11.56
C PHE A 20 6.55 -16.43 -11.77
N VAL A 21 5.51 -15.77 -11.27
CA VAL A 21 5.35 -14.33 -11.41
C VAL A 21 5.52 -13.73 -10.01
N GLU A 22 6.67 -13.14 -9.77
CA GLU A 22 6.96 -12.51 -8.49
C GLU A 22 6.43 -11.08 -8.46
N SER A 23 6.45 -10.48 -7.28
CA SER A 23 5.95 -9.12 -7.11
C SER A 23 6.95 -8.11 -7.66
N ASN A 24 6.44 -7.10 -8.36
CA ASN A 24 7.28 -6.02 -8.84
C ASN A 24 7.68 -5.06 -7.74
N GLU A 25 7.09 -5.16 -6.55
CA GLU A 25 7.39 -4.25 -5.46
C GLU A 25 8.73 -4.61 -4.82
N GLU A 26 9.41 -3.59 -4.31
CA GLU A 26 10.67 -3.80 -3.63
C GLU A 26 10.45 -4.61 -2.35
N PRO A 27 11.23 -5.66 -2.10
CA PRO A 27 11.02 -6.46 -0.88
C PRO A 27 11.13 -5.65 0.40
N LEU A 28 11.89 -4.56 0.39
CA LEU A 28 11.98 -3.70 1.58
C LEU A 28 10.60 -3.19 1.98
N PHE A 29 9.89 -2.57 1.05
CA PHE A 29 8.56 -2.04 1.35
C PHE A 29 7.52 -3.15 1.50
N VAL A 30 7.79 -4.33 0.94
CA VAL A 30 6.91 -5.47 1.17
C VAL A 30 7.00 -5.93 2.62
N LEU A 32 8.25 -4.09 5.11
CA LEU A 32 8.01 -2.96 6.00
C LEU A 32 6.53 -2.68 6.22
N LYS A 33 5.64 -3.37 5.51
CA LYS A 33 4.20 -3.23 5.70
C LYS A 33 3.62 -4.28 6.64
N SER A 34 4.13 -5.51 6.58
CA SER A 34 3.63 -6.58 7.44
C SER A 34 4.04 -6.37 8.89
N GLY A 66 -7.43 7.90 40.33
CA GLY A 66 -7.80 7.53 41.69
C GLY A 66 -6.61 7.40 42.62
N ALA A 67 -6.77 6.59 43.66
CA ALA A 67 -5.68 6.38 44.62
C ALA A 67 -4.69 5.33 44.15
N TRP A 68 -5.15 4.38 43.34
CA TRP A 68 -4.26 3.33 42.84
C TRP A 68 -3.19 3.90 41.92
N GLN A 70 -1.85 6.92 42.21
CA GLN A 70 -0.86 7.55 43.07
C GLN A 70 0.11 6.53 43.64
N GLN A 71 -0.40 5.39 44.09
CA GLN A 71 0.48 4.31 44.54
C GLN A 71 1.35 3.82 43.39
N LEU A 72 0.79 3.73 42.18
CA LEU A 72 1.55 3.24 41.04
C LEU A 72 2.68 4.20 40.66
N ARG A 73 2.38 5.50 40.63
CA ARG A 73 3.42 6.48 40.31
C ARG A 73 4.51 6.50 41.36
N HIS A 74 4.13 6.32 42.64
CA HIS A 74 5.12 6.28 43.70
C HIS A 74 6.11 5.14 43.52
N GLN A 75 5.63 4.00 43.02
CA GLN A 75 6.52 2.88 42.71
C GLN A 75 7.50 3.26 41.60
N ALA A 76 7.01 3.95 40.56
CA ALA A 76 7.86 4.32 39.44
C ALA A 76 8.93 5.31 39.87
N ASP A 77 8.56 6.30 40.68
CA ASP A 77 9.52 7.32 41.11
C ASP A 77 10.53 6.79 42.12
N GLN A 78 10.36 5.56 42.61
CA GLN A 78 11.33 4.96 43.52
C GLN A 78 12.27 3.98 42.85
N GLY A 79 12.05 3.63 41.59
CA GLY A 79 12.97 2.77 40.88
C GLY A 79 12.32 1.65 40.08
N ASP A 80 11.01 1.47 40.23
CA ASP A 80 10.30 0.42 39.51
C ASP A 80 10.21 0.81 38.05
N ALA A 81 11.14 0.31 37.23
CA ALA A 81 11.15 0.63 35.81
C ALA A 81 9.96 0.05 35.08
N LYS A 82 9.36 -1.03 35.59
CA LYS A 82 8.20 -1.62 34.92
C LYS A 82 6.94 -0.81 35.15
N SER A 83 6.76 -0.29 36.37
CA SER A 83 5.62 0.59 36.62
C SER A 83 5.75 1.90 35.84
N ALA A 84 6.98 2.40 35.66
CA ALA A 84 7.17 3.64 34.92
C ALA A 84 6.74 3.47 33.47
N PHE A 85 7.03 2.33 32.87
CA PHE A 85 6.69 2.12 31.46
C PHE A 85 5.18 2.01 31.27
N TRP A 86 4.54 1.10 32.01
CA TRP A 86 3.12 0.82 31.78
C TRP A 86 2.25 2.01 32.16
N LEU A 87 2.57 2.69 33.26
CA LEU A 87 1.84 3.91 33.59
C LEU A 87 2.10 5.00 32.56
N GLY A 88 3.36 5.16 32.15
CA GLY A 88 3.68 6.19 31.17
C GLY A 88 3.11 5.90 29.79
N ARG A 89 3.16 4.64 29.36
CA ARG A 89 2.62 4.30 28.06
C ARG A 89 1.11 4.51 28.01
N PHE A 90 0.41 4.01 29.03
CA PHE A 90 -1.04 4.19 29.08
C PHE A 90 -1.45 5.62 29.38
N THR A 91 -0.52 6.48 29.82
CA THR A 91 -0.83 7.88 29.99
C THR A 91 -0.85 8.61 28.65
N VAL A 92 0.17 8.37 27.82
CA VAL A 92 0.26 9.05 26.53
C VAL A 92 -0.73 8.50 25.51
N GLU A 93 -1.38 7.37 25.80
CA GLU A 93 -2.35 6.79 24.88
C GLU A 93 -3.80 7.05 25.30
N ASP A 94 -4.04 7.39 26.57
CA ASP A 94 -5.38 7.63 27.07
C ASP A 94 -5.65 9.12 27.32
N SER A 95 -4.93 10.01 26.65
CA SER A 95 -5.09 11.43 26.88
C SER A 95 -4.69 12.20 25.62
N ARG A 96 -5.39 13.31 25.39
CA ARG A 96 -5.05 14.24 24.32
C ARG A 96 -4.43 15.52 24.83
N ASP A 97 -4.39 15.73 26.15
CA ASP A 97 -3.78 16.92 26.71
C ASP A 97 -2.27 16.92 26.46
N GLY A 98 -1.74 18.05 26.01
CA GLY A 98 -0.32 18.11 25.67
C GLY A 98 0.60 17.90 26.86
N LYS A 99 0.27 18.53 27.98
CA LYS A 99 1.11 18.40 29.17
C LYS A 99 0.93 17.06 29.88
N THR A 100 -0.21 16.40 29.69
CA THR A 100 -0.38 15.07 30.25
C THR A 100 0.47 14.05 29.49
N ILE A 101 0.52 14.18 28.16
CA ILE A 101 1.38 13.31 27.36
C ILE A 101 2.85 13.50 27.72
N ASP A 102 3.25 14.76 27.93
CA ASP A 102 4.64 15.03 28.28
C ASP A 102 5.02 14.38 29.60
N GLU A 103 4.16 14.49 30.61
CA GLU A 103 4.43 13.86 31.90
C GLU A 103 4.40 12.35 31.82
N GLY A 104 3.73 11.79 30.80
CA GLY A 104 3.81 10.36 30.59
C GLY A 104 5.05 9.93 29.84
N ILE A 105 5.53 10.77 28.93
CA ILE A 105 6.76 10.45 28.20
C ILE A 105 7.96 10.45 29.15
N ARG A 106 7.95 11.35 30.13
CA ARG A 106 9.01 11.34 31.14
C ARG A 106 9.10 9.99 31.84
N LEU A 107 7.94 9.40 32.18
CA LEU A 107 7.93 8.08 32.80
C LEU A 107 8.46 7.02 31.84
N ILE A 108 8.14 7.14 30.55
CA ILE A 108 8.64 6.19 29.57
C ILE A 108 10.14 6.32 29.41
N ARG A 109 10.64 7.57 29.36
CA ARG A 109 12.08 7.78 29.27
C ARG A 109 12.78 7.33 30.54
N ARG A 110 12.22 7.66 31.70
CA ARG A 110 12.81 7.21 32.96
C ARG A 110 12.93 5.69 33.01
N SER A 111 11.95 4.99 32.45
CA SER A 111 12.05 3.54 32.36
C SER A 111 13.08 3.12 31.33
N ALA A 112 13.26 3.90 30.26
CA ALA A 112 14.27 3.56 29.26
C ALA A 112 15.67 3.80 29.79
N GLU A 113 15.86 4.81 30.63
CA GLU A 113 17.16 4.98 31.29
C GLU A 113 17.49 3.80 32.19
N GLY A 114 16.47 3.22 32.83
CA GLY A 114 16.65 2.04 33.64
C GLY A 114 16.99 0.78 32.86
N GLY A 115 16.77 0.79 31.55
CA GLY A 115 17.12 -0.34 30.71
C GLY A 115 15.99 -1.28 30.36
N PHE A 116 14.74 -0.90 30.62
CA PHE A 116 13.62 -1.76 30.28
C PHE A 116 13.48 -1.86 28.76
N VAL A 117 13.46 -3.09 28.25
CA VAL A 117 13.45 -3.30 26.81
C VAL A 117 12.16 -2.78 26.18
N ARG A 118 11.04 -2.87 26.90
CA ARG A 118 9.79 -2.35 26.36
C ARG A 118 9.81 -0.83 26.28
N ALA A 119 10.43 -0.18 27.26
CA ALA A 119 10.52 1.28 27.23
C ALA A 119 11.48 1.75 26.15
N GLN A 120 12.58 1.03 25.95
CA GLN A 120 13.52 1.38 24.88
C GLN A 120 12.84 1.30 23.52
N LEU A 121 12.06 0.25 23.29
CA LEU A 121 11.39 0.09 22.00
C LEU A 121 10.27 1.12 21.82
N TYR A 122 9.50 1.38 22.87
CA TYR A 122 8.40 2.33 22.77
C TYR A 122 8.93 3.75 22.57
N LEU A 123 9.90 4.16 23.38
CA LEU A 123 10.51 5.47 23.19
C LEU A 123 11.27 5.56 21.89
N GLY A 124 11.78 4.43 21.39
CA GLY A 124 12.49 4.45 20.12
C GLY A 124 11.57 4.72 18.94
N THR A 125 10.38 4.12 18.94
CA THR A 125 9.43 4.38 17.86
C THR A 125 8.89 5.79 17.94
N LEU A 126 8.80 6.37 19.13
CA LEU A 126 8.29 7.73 19.27
C LEU A 126 9.19 8.73 18.54
N TYR A 127 10.50 8.51 18.57
CA TYR A 127 11.42 9.39 17.86
C TYR A 127 11.55 9.05 16.38
N ALA A 128 11.22 7.81 15.99
CA ALA A 128 11.29 7.43 14.58
C ALA A 128 10.09 7.95 13.80
N ASN A 129 8.91 8.00 14.44
CA ASN A 129 7.70 8.47 13.79
C ASN A 129 7.36 9.92 14.13
N GLY A 130 8.15 10.56 15.00
CA GLY A 130 7.84 11.91 15.43
C GLY A 130 6.56 12.03 16.20
N THR A 131 6.20 11.01 16.97
CA THR A 131 4.95 11.00 17.73
C THR A 131 5.17 11.64 19.09
N HIS A 132 4.46 12.75 19.35
CA HIS A 132 4.45 13.44 20.63
C HIS A 132 5.80 14.09 20.97
N VAL A 133 6.82 13.85 20.14
CA VAL A 133 8.14 14.45 20.31
C VAL A 133 8.69 14.82 18.95
N LYS A 134 9.77 15.60 18.96
CA LYS A 134 10.45 15.94 17.72
C LYS A 134 11.08 14.69 17.11
N ALA A 135 10.87 14.49 15.82
CA ALA A 135 11.49 13.36 15.12
C ALA A 135 13.00 13.50 15.14
N ASP A 136 13.67 12.66 15.92
CA ASP A 136 15.13 12.71 16.06
C ASP A 136 15.71 11.39 15.60
N PRO A 137 16.30 11.33 14.40
CA PRO A 137 16.87 10.06 13.92
C PRO A 137 18.00 9.54 14.79
N HIS A 138 18.84 10.43 15.32
CA HIS A 138 19.92 9.98 16.19
C HIS A 138 19.37 9.42 17.50
N GLU A 139 18.35 10.07 18.06
CA GLU A 139 17.75 9.58 19.30
C GLU A 139 16.92 8.33 19.05
N ALA A 140 16.25 8.26 17.90
CA ALA A 140 15.50 7.05 17.56
C ALA A 140 16.43 5.87 17.38
N GLU A 141 17.57 6.10 16.72
CA GLU A 141 18.53 5.02 16.51
C GLU A 141 19.07 4.48 17.82
N LYS A 142 19.28 5.36 18.80
CA LYS A 142 19.91 4.95 20.05
C LYS A 142 19.02 3.97 20.82
N TRP A 143 17.75 4.32 21.00
CA TRP A 143 16.87 3.46 21.79
C TRP A 143 16.49 2.20 21.04
N LEU A 144 16.28 2.29 19.73
CA LEU A 144 15.93 1.10 18.96
C LEU A 144 17.11 0.15 18.80
N SER A 145 18.33 0.68 18.75
CA SER A 145 19.51 -0.18 18.74
C SER A 145 19.71 -0.86 20.08
N ARG A 146 19.34 -0.18 21.18
CA ARG A 146 19.41 -0.81 22.49
C ARG A 146 18.35 -1.87 22.65
N ALA A 147 17.10 -1.55 22.29
CA ALA A 147 16.02 -2.51 22.40
C ALA A 147 16.30 -3.76 21.57
N ALA A 148 16.76 -3.56 20.34
CA ALA A 148 17.14 -4.71 19.51
C ALA A 148 18.35 -5.43 20.08
N GLY A 149 19.25 -4.69 20.74
CA GLY A 149 20.44 -5.29 21.32
C GLY A 149 20.20 -6.24 22.47
N GLN A 150 18.97 -6.26 23.02
CA GLN A 150 18.64 -7.18 24.09
C GLN A 150 17.22 -7.72 23.98
N GLY A 151 16.54 -7.53 22.86
CA GLY A 151 15.14 -7.85 22.73
C GLY A 151 14.88 -9.06 21.86
N SER A 152 13.60 -9.25 21.55
CA SER A 152 13.15 -10.39 20.77
C SER A 152 13.69 -10.29 19.34
N PRO A 153 13.74 -11.42 18.63
CA PRO A 153 14.12 -11.36 17.21
C PRO A 153 13.15 -10.54 16.37
N VAL A 155 11.87 -7.57 17.32
CA VAL A 155 12.37 -6.21 17.44
C VAL A 155 13.66 -6.05 16.65
N GLN A 156 14.48 -7.09 16.58
CA GLN A 156 15.69 -7.02 15.77
C GLN A 156 15.37 -6.91 14.29
N LEU A 157 14.40 -7.70 13.81
CA LEU A 157 13.96 -7.58 12.43
C LEU A 157 13.33 -6.22 12.17
N TYR A 158 12.61 -5.69 13.16
CA TYR A 158 12.00 -4.37 13.01
C TYR A 158 13.05 -3.29 12.81
N LEU A 159 14.13 -3.33 13.58
CA LEU A 159 15.19 -2.35 13.41
C LEU A 159 15.92 -2.54 12.10
N GLY A 160 16.10 -3.79 11.66
CA GLY A 160 16.80 -4.04 10.42
C GLY A 160 16.03 -3.54 9.20
N LEU A 161 14.72 -3.77 9.18
CA LEU A 161 13.90 -3.28 8.07
C LEU A 161 13.89 -1.77 8.00
N TYR A 163 16.43 0.16 9.04
CA TYR A 163 17.78 0.64 8.76
C TYR A 163 18.04 0.79 7.26
N GLY A 164 17.41 -0.04 6.45
CA GLY A 164 17.51 0.10 5.00
C GLY A 164 16.37 0.92 4.44
N HIS A 165 15.75 1.75 5.28
CA HIS A 165 14.60 2.55 4.91
C HIS A 165 14.89 4.04 4.87
N GLY A 166 15.70 4.54 5.81
CA GLY A 166 16.07 5.94 5.87
C GLY A 166 15.16 6.82 6.71
N LYS A 167 13.86 6.53 6.70
CA LYS A 167 12.91 7.29 7.50
C LYS A 167 12.92 6.76 8.93
N GLY A 168 12.94 7.68 9.89
CA GLY A 168 12.98 7.30 11.29
C GLY A 168 14.39 7.22 11.84
N VAL A 169 15.19 6.32 11.30
CA VAL A 169 16.59 6.17 11.71
C VAL A 169 17.46 6.41 10.47
N PRO A 170 18.71 6.83 10.66
CA PRO A 170 19.59 7.02 9.50
C PRO A 170 19.78 5.72 8.73
N ARG A 171 19.80 5.83 7.40
CA ARG A 171 19.94 4.67 6.55
C ARG A 171 21.32 4.05 6.71
N ASP A 172 21.36 2.73 6.87
CA ASP A 172 22.60 1.98 6.96
C ASP A 172 22.30 0.55 6.53
N LEU A 173 22.58 0.24 5.26
CA LEU A 173 22.28 -1.09 4.73
C LEU A 173 23.14 -2.18 5.34
N ASN A 174 24.31 -1.83 5.89
CA ASN A 174 25.12 -2.83 6.58
C ASN A 174 24.52 -3.18 7.94
N LYS A 175 24.17 -2.16 8.74
CA LYS A 175 23.44 -2.40 9.97
C LYS A 175 22.10 -3.04 9.71
N SER A 176 21.50 -2.76 8.54
CA SER A 176 20.22 -3.38 8.19
C SER A 176 20.39 -4.89 8.01
N LEU A 177 21.37 -5.30 7.21
CA LEU A 177 21.59 -6.73 6.99
C LEU A 177 22.00 -7.43 8.29
N PHE A 178 22.73 -6.74 9.17
CA PHE A 178 23.17 -7.37 10.41
C PHE A 178 21.98 -7.74 11.29
N TRP A 179 21.08 -6.78 11.53
CA TRP A 179 19.95 -7.04 12.41
C TRP A 179 18.94 -7.98 11.76
N VAL A 180 18.78 -7.92 10.45
CA VAL A 180 17.87 -8.85 9.77
C VAL A 180 18.43 -10.25 9.79
N GLU A 181 19.72 -10.41 9.46
CA GLU A 181 20.33 -11.73 9.47
C GLU A 181 20.43 -12.30 10.88
N LYS A 182 20.65 -11.45 11.89
CA LYS A 182 20.70 -11.93 13.27
C LYS A 182 19.33 -12.42 13.71
N ALA A 183 18.27 -11.68 13.38
CA ALA A 183 16.93 -12.12 13.71
C ALA A 183 16.55 -13.39 12.96
N ALA A 184 17.07 -13.57 11.75
CA ALA A 184 16.79 -14.79 11.00
C ALA A 184 17.49 -15.99 11.62
N ASP A 185 18.76 -15.83 12.01
CA ASP A 185 19.51 -16.94 12.58
C ASP A 185 18.94 -17.39 13.92
N ARG A 186 18.11 -16.58 14.57
CA ARG A 186 17.47 -16.97 15.82
C ARG A 186 16.21 -17.78 15.60
N GLY A 187 15.77 -17.97 14.36
CA GLY A 187 14.62 -18.79 14.05
C GLY A 187 13.37 -18.04 13.65
N LEU A 188 13.41 -16.72 13.60
CA LEU A 188 12.23 -15.95 13.21
C LEU A 188 11.92 -16.19 11.74
N PRO A 189 10.74 -16.73 11.41
CA PRO A 189 10.45 -17.02 9.99
C PRO A 189 10.42 -15.77 9.12
N HIS A 190 9.87 -14.67 9.63
CA HIS A 190 9.76 -13.45 8.83
C HIS A 190 11.14 -12.90 8.46
N ALA A 191 12.06 -12.89 9.43
CA ALA A 191 13.40 -12.38 9.16
C ALA A 191 14.14 -13.27 8.16
N GLN A 192 13.90 -14.58 8.21
CA GLN A 192 14.51 -15.48 7.24
C GLN A 192 14.02 -15.17 5.83
N LEU A 193 12.72 -14.96 5.66
CA LEU A 193 12.20 -14.55 4.37
C LEU A 193 12.76 -13.21 3.94
N ALA A 194 12.88 -12.26 4.89
CA ALA A 194 13.40 -10.95 4.56
C ALA A 194 14.85 -11.03 4.10
N ARG A 195 15.67 -11.83 4.79
CA ARG A 195 17.07 -11.97 4.38
C ARG A 195 17.18 -12.64 3.02
N GLY A 196 16.31 -13.61 2.74
CA GLY A 196 16.33 -14.27 1.45
C GLY A 196 15.90 -13.36 0.32
N LEU A 197 14.83 -12.59 0.53
CA LEU A 197 14.35 -11.68 -0.51
C LEU A 197 15.33 -10.54 -0.75
N PHE A 198 16.04 -10.10 0.29
CA PHE A 198 16.98 -8.99 0.13
C PHE A 198 18.13 -9.38 -0.78
N ALA A 199 18.63 -10.61 -0.66
CA ALA A 199 19.72 -11.11 -1.47
C ALA A 199 19.24 -11.75 -2.77
N SER A 200 18.08 -11.34 -3.28
CA SER A 200 17.52 -12.02 -4.45
C SER A 200 16.69 -11.08 -5.32
N PHE A 201 15.98 -10.12 -4.71
CA PHE A 201 15.06 -9.29 -5.47
C PHE A 201 15.09 -7.81 -5.08
N SER A 202 16.16 -7.34 -4.45
CA SER A 202 16.21 -5.97 -3.94
C SER A 202 17.08 -5.10 -4.82
N HIS A 203 16.65 -3.85 -5.01
CA HIS A 203 17.46 -2.83 -5.65
C HIS A 203 18.37 -2.11 -4.67
N TYR A 204 18.37 -2.53 -3.40
CA TYR A 204 19.21 -1.93 -2.36
C TYR A 204 20.33 -2.86 -1.92
N TYR A 205 20.00 -4.07 -1.50
CA TYR A 205 20.96 -5.00 -0.93
C TYR A 205 21.71 -5.75 -2.01
N PRO A 206 22.91 -6.26 -1.70
CA PRO A 206 23.68 -7.01 -2.71
C PRO A 206 22.97 -8.29 -3.13
N ARG A 207 23.29 -8.74 -4.35
CA ARG A 207 22.66 -9.91 -4.93
C ARG A 207 23.50 -11.15 -4.62
N ASP A 208 22.89 -12.13 -3.95
CA ASP A 208 23.56 -13.39 -3.64
C ASP A 208 22.49 -14.50 -3.69
N ASP A 209 22.32 -15.10 -4.86
CA ASP A 209 21.27 -16.10 -5.04
C ASP A 209 21.56 -17.36 -4.23
N GLU A 210 22.83 -17.69 -4.00
CA GLU A 210 23.15 -18.87 -3.20
C GLU A 210 22.73 -18.69 -1.76
N LYS A 211 23.01 -17.52 -1.18
CA LYS A 211 22.64 -17.27 0.20
C LYS A 211 21.14 -17.06 0.36
N ALA A 212 20.48 -16.56 -0.69
CA ALA A 212 19.04 -16.37 -0.62
C ALA A 212 18.31 -17.69 -0.47
N VAL A 213 18.77 -18.73 -1.17
CA VAL A 213 18.15 -20.04 -1.05
C VAL A 213 18.29 -20.60 0.36
N LEU A 214 19.42 -20.29 1.03
CA LEU A 214 19.64 -20.81 2.37
C LEU A 214 18.59 -20.26 3.34
N TYR A 215 18.30 -18.97 3.26
CA TYR A 215 17.35 -18.37 4.20
C TYR A 215 15.90 -18.57 3.75
N LEU A 216 15.66 -18.66 2.44
CA LEU A 216 14.32 -19.01 1.98
C LEU A 216 13.94 -20.42 2.42
N THR A 217 14.90 -21.35 2.40
CA THR A 217 14.62 -22.71 2.85
C THR A 217 14.36 -22.76 4.35
N LYS A 218 15.07 -21.91 5.11
CA LYS A 218 14.85 -21.88 6.56
C LYS A 218 13.42 -21.49 6.89
N ALA A 219 12.85 -20.54 6.15
CA ALA A 219 11.48 -20.12 6.39
C ALA A 219 10.48 -21.04 5.71
N ALA A 220 10.84 -21.61 4.55
CA ALA A 220 9.91 -22.50 3.85
C ALA A 220 9.64 -23.77 4.65
N LYS A 221 10.64 -24.26 5.38
CA LYS A 221 10.41 -25.44 6.22
C LYS A 221 9.46 -25.13 7.36
N GLN A 222 9.39 -23.87 7.81
CA GLN A 222 8.51 -23.50 8.91
C GLN A 222 7.08 -23.28 8.48
N GLY A 223 6.79 -23.25 7.17
CA GLY A 223 5.43 -23.23 6.68
C GLY A 223 4.99 -21.96 6.00
N PRO A 225 4.05 -19.72 3.18
CA PRO A 225 3.77 -19.98 1.76
C PRO A 225 4.57 -19.09 0.82
N ALA A 227 7.53 -17.93 1.42
CA ALA A 227 8.87 -18.51 1.43
C ALA A 227 8.92 -19.76 0.57
N GLN A 228 7.87 -20.59 0.63
CA GLN A 228 7.81 -21.77 -0.23
C GLN A 228 7.62 -21.38 -1.69
N PHE A 229 6.84 -20.32 -1.94
CA PHE A 229 6.64 -19.86 -3.31
C PHE A 229 7.93 -19.32 -3.90
N TYR A 230 8.68 -18.52 -3.14
CA TYR A 230 9.92 -17.96 -3.66
C TYR A 230 11.04 -19.00 -3.70
N LEU A 231 10.99 -20.00 -2.83
CA LEU A 231 11.98 -21.06 -2.89
C LEU A 231 11.79 -21.92 -4.14
N ALA A 232 10.53 -22.21 -4.50
CA ALA A 232 10.27 -22.94 -5.73
C ALA A 232 10.63 -22.11 -6.95
N LEU A 233 10.48 -20.79 -6.88
CA LEU A 233 10.90 -19.93 -7.98
C LEU A 233 12.40 -20.06 -8.24
N TYR A 235 14.24 -22.70 -7.42
CA TYR A 235 14.52 -24.07 -7.85
C TYR A 235 14.24 -24.26 -9.34
N GLN A 236 13.33 -23.49 -9.91
CA GLN A 236 13.06 -23.59 -11.34
C GLN A 236 14.02 -22.76 -12.16
N ARG A 237 14.14 -21.47 -11.85
CA ARG A 237 14.98 -20.58 -12.63
C ARG A 237 16.47 -20.88 -12.48
N GLY A 238 16.85 -21.80 -11.60
CA GLY A 238 18.25 -22.13 -11.41
C GLY A 238 19.06 -21.01 -10.80
N ARG A 239 18.47 -20.23 -9.90
CA ARG A 239 19.17 -19.13 -9.23
C ARG A 239 19.58 -19.60 -7.83
N GLY A 240 20.88 -19.69 -7.61
CA GLY A 240 21.40 -20.11 -6.32
C GLY A 240 21.40 -21.60 -6.07
N VAL A 241 20.72 -22.38 -6.90
CA VAL A 241 20.69 -23.84 -6.78
C VAL A 241 20.59 -24.44 -8.18
N GLU A 242 20.68 -25.76 -8.25
CA GLU A 242 20.60 -26.47 -9.51
C GLU A 242 19.14 -26.57 -9.96
N GLN A 243 18.90 -26.31 -11.24
CA GLN A 243 17.55 -26.40 -11.80
C GLN A 243 16.96 -27.78 -11.57
N SER A 244 15.73 -27.82 -11.05
CA SER A 244 15.06 -29.09 -10.77
C SER A 244 13.56 -28.84 -10.78
N ASN A 245 12.86 -29.37 -11.78
CA ASN A 245 11.41 -29.24 -11.81
C ASN A 245 10.75 -30.07 -10.72
N GLU A 246 11.40 -31.14 -10.27
CA GLU A 246 10.87 -31.90 -9.15
C GLU A 246 10.84 -31.07 -7.88
N GLN A 247 11.87 -30.25 -7.65
CA GLN A 247 11.93 -29.45 -6.44
C GLN A 247 10.94 -28.29 -6.48
N ALA A 248 10.84 -27.60 -7.62
CA ALA A 248 9.91 -26.48 -7.73
C ALA A 248 8.46 -26.94 -7.55
N LEU A 249 8.16 -28.17 -7.95
CA LEU A 249 6.81 -28.70 -7.75
C LEU A 249 6.52 -28.95 -6.28
N HIS A 250 7.53 -29.35 -5.50
CA HIS A 250 7.31 -29.70 -4.11
C HIS A 250 7.00 -28.48 -3.26
N TRP A 251 7.83 -27.45 -3.35
CA TRP A 251 7.66 -26.28 -2.49
C TRP A 251 6.47 -25.44 -2.91
N ASN A 252 6.23 -25.31 -4.23
CA ASN A 252 5.08 -24.54 -4.68
C ASN A 252 3.76 -25.23 -4.37
N LEU A 254 3.21 -27.04 -1.51
CA LEU A 254 3.00 -26.72 -0.10
C LEU A 254 2.45 -25.31 0.07
N ALA A 255 2.87 -24.38 -0.80
CA ALA A 255 2.33 -23.03 -0.75
C ALA A 255 0.98 -22.94 -1.45
N ALA A 256 0.74 -23.76 -2.46
CA ALA A 256 -0.55 -23.76 -3.14
C ALA A 256 -1.64 -24.44 -2.31
N GLU A 257 -1.27 -25.46 -1.51
CA GLU A 257 -2.24 -26.11 -0.65
C GLU A 257 -2.73 -25.17 0.45
N GLN A 258 -1.92 -24.17 0.82
CA GLN A 258 -2.33 -23.21 1.83
C GLN A 258 -3.20 -22.09 1.26
N GLY A 259 -3.35 -22.02 -0.05
CA GLY A 259 -4.17 -20.99 -0.67
C GLY A 259 -3.43 -19.74 -1.10
N TYR A 260 -2.10 -19.79 -1.17
CA TYR A 260 -1.34 -18.63 -1.61
C TYR A 260 -1.60 -18.38 -3.09
N PRO A 261 -2.20 -17.25 -3.47
CA PRO A 261 -2.60 -17.07 -4.88
C PRO A 261 -1.44 -17.12 -5.86
N ASP A 262 -0.32 -16.47 -5.55
CA ASP A 262 0.81 -16.49 -6.47
C ASP A 262 1.31 -17.91 -6.71
N ALA A 263 1.30 -18.74 -5.66
CA ALA A 263 1.68 -20.13 -5.83
C ALA A 263 0.63 -20.89 -6.63
N GLU A 264 -0.65 -20.58 -6.41
CA GLU A 264 -1.70 -21.24 -7.17
C GLU A 264 -1.60 -20.91 -8.66
N TYR A 265 -1.21 -19.68 -8.99
CA TYR A 265 -1.01 -19.34 -10.40
C TYR A 265 0.21 -20.07 -10.96
N ALA A 266 1.29 -20.15 -10.19
CA ALA A 266 2.45 -20.92 -10.62
C ALA A 266 2.07 -22.37 -10.91
N SER A 268 -0.88 -23.22 -12.08
CA SER A 268 -1.61 -23.16 -13.34
C SER A 268 -0.64 -23.20 -14.53
N ARG A 269 0.54 -22.59 -14.39
CA ARG A 269 1.51 -22.61 -15.47
C ARG A 269 2.26 -23.93 -15.53
N ALA A 271 1.17 -26.89 -14.57
CA ALA A 271 0.27 -27.92 -15.07
C ALA A 271 -0.04 -27.76 -16.55
N GLU A 272 0.03 -26.53 -17.06
CA GLU A 272 -0.25 -26.28 -18.47
C GLU A 272 0.92 -26.69 -19.35
N LEU A 273 2.13 -26.28 -18.97
CA LEU A 273 3.33 -26.58 -19.75
C LEU A 273 3.96 -27.92 -19.39
N GLY A 274 3.35 -28.67 -18.47
CA GLY A 274 3.88 -29.98 -18.11
C GLY A 274 5.23 -29.91 -17.43
N ILE A 275 5.37 -29.05 -16.43
CA ILE A 275 6.59 -28.90 -15.67
C ILE A 275 6.41 -29.64 -14.35
N GLY A 276 7.24 -30.67 -14.13
CA GLY A 276 7.11 -31.51 -12.95
C GLY A 276 5.97 -32.50 -12.99
N VAL A 277 4.96 -32.27 -13.82
CA VAL A 277 3.84 -33.18 -14.03
C VAL A 277 3.59 -33.29 -15.52
N THR A 278 2.62 -34.12 -15.91
CA THR A 278 2.21 -34.20 -17.29
C THR A 278 1.21 -33.09 -17.59
N ALA A 279 1.19 -32.65 -18.85
CA ALA A 279 0.34 -31.53 -19.25
C ALA A 279 -1.12 -31.85 -19.00
N ASP A 280 -1.85 -30.86 -18.49
CA ASP A 280 -3.27 -31.03 -18.15
C ASP A 280 -3.90 -29.64 -18.13
N LYS A 281 -4.40 -29.21 -19.29
CA LYS A 281 -4.99 -27.88 -19.40
C LYS A 281 -6.20 -27.73 -18.50
N ALA A 282 -6.95 -28.82 -18.29
CA ALA A 282 -8.09 -28.76 -17.38
C ALA A 282 -7.64 -28.51 -15.94
N TRP A 283 -6.63 -29.26 -15.49
CA TRP A 283 -6.10 -29.03 -14.15
C TRP A 283 -5.40 -27.69 -14.05
N SER A 284 -4.83 -27.20 -15.17
CA SER A 284 -4.19 -25.89 -15.16
C SER A 284 -5.15 -24.79 -14.76
N TRP A 287 -6.37 -24.49 -11.05
CA TRP A 287 -5.51 -23.61 -10.27
C TRP A 287 -5.77 -22.15 -10.62
N LEU A 288 -5.94 -21.85 -11.92
CA LEU A 288 -6.22 -20.48 -12.32
C LEU A 288 -7.53 -19.98 -11.72
N ASP A 289 -8.51 -20.87 -11.57
CA ASP A 289 -9.77 -20.48 -10.94
C ASP A 289 -9.58 -20.16 -9.47
N ARG A 290 -8.75 -20.94 -8.78
CA ARG A 290 -8.48 -20.69 -7.37
C ARG A 290 -7.81 -19.33 -7.16
N ALA A 291 -6.73 -19.09 -7.90
CA ALA A 291 -5.97 -17.85 -7.73
C ALA A 291 -6.81 -16.63 -8.09
N ALA A 292 -7.76 -16.78 -9.01
CA ALA A 292 -8.63 -15.67 -9.37
C ALA A 292 -9.64 -15.39 -8.26
N HIS A 293 -10.31 -16.43 -7.76
CA HIS A 293 -11.22 -16.26 -6.64
C HIS A 293 -10.49 -15.85 -5.37
N HIS A 294 -9.19 -16.13 -5.27
CA HIS A 294 -8.40 -15.72 -4.12
C HIS A 294 -7.87 -14.29 -4.22
N GLY A 295 -8.18 -13.58 -5.31
CA GLY A 295 -7.92 -12.15 -5.39
C GLY A 295 -6.78 -11.73 -6.28
N PRO A 297 -5.08 -10.39 -9.34
CA PRO A 297 -5.56 -9.68 -10.53
C PRO A 297 -5.07 -10.29 -11.83
N LEU A 298 -3.88 -10.88 -11.85
CA LEU A 298 -3.39 -11.53 -13.06
C LEU A 298 -4.22 -12.75 -13.39
N ALA A 299 -4.57 -13.55 -12.38
CA ALA A 299 -5.40 -14.73 -12.62
C ALA A 299 -6.81 -14.33 -13.03
N GLN A 300 -7.36 -13.29 -12.40
CA GLN A 300 -8.70 -12.82 -12.75
C GLN A 300 -8.75 -12.37 -14.20
N TYR A 301 -7.70 -11.70 -14.68
CA TYR A 301 -7.67 -11.25 -16.07
C TYR A 301 -7.62 -12.43 -17.03
N LEU A 302 -6.79 -13.43 -16.72
CA LEU A 302 -6.71 -14.61 -17.57
C LEU A 302 -8.00 -15.42 -17.52
N GLY A 304 -10.89 -13.98 -17.28
CA GLY A 304 -11.69 -13.21 -18.23
C GLY A 304 -11.34 -13.53 -19.67
N ALA A 306 -10.17 -16.52 -20.61
CA ALA A 306 -10.64 -17.89 -20.84
C ALA A 306 -12.10 -17.93 -21.24
N TYR A 307 -12.93 -17.11 -20.61
CA TYR A 307 -14.35 -17.06 -20.95
C TYR A 307 -14.65 -16.17 -22.15
N LEU A 308 -13.73 -15.28 -22.51
CA LEU A 308 -13.90 -14.49 -23.73
C LEU A 308 -13.73 -15.37 -24.96
N GLU A 309 -12.56 -15.99 -25.10
CA GLU A 309 -12.32 -16.98 -26.16
C GLU A 309 -12.67 -18.35 -25.60
N GLY A 310 -13.86 -18.84 -25.95
CA GLY A 310 -14.30 -20.13 -25.47
C GLY A 310 -13.46 -21.28 -25.98
N LYS A 311 -12.29 -21.48 -25.40
CA LYS A 311 -11.37 -22.53 -25.81
C LYS A 311 -11.15 -23.59 -24.76
N SER A 312 -10.93 -23.19 -23.50
CA SER A 312 -10.83 -24.15 -22.41
C SER A 312 -12.06 -24.19 -21.53
N VAL A 313 -12.93 -23.19 -21.64
CA VAL A 313 -14.23 -23.18 -20.97
C VAL A 313 -15.28 -22.69 -21.95
N PRO A 314 -16.55 -23.02 -21.71
CA PRO A 314 -17.62 -22.50 -22.56
C PRO A 314 -17.62 -20.98 -22.57
N GLN A 315 -17.74 -20.40 -23.77
CA GLN A 315 -17.71 -18.95 -23.92
C GLN A 315 -18.87 -18.32 -23.19
N ASP A 316 -18.57 -17.41 -22.27
CA ASP A 316 -19.58 -16.71 -21.46
C ASP A 316 -19.17 -15.24 -21.39
N LEU A 317 -19.72 -14.43 -22.29
CA LEU A 317 -19.32 -13.02 -22.35
C LEU A 317 -19.66 -12.23 -21.10
N PRO A 318 -20.84 -12.35 -20.49
CA PRO A 318 -21.07 -11.62 -19.22
C PRO A 318 -20.13 -12.05 -18.11
N VAL A 319 -19.79 -13.34 -18.03
CA VAL A 319 -18.84 -13.79 -17.02
C VAL A 319 -17.43 -13.29 -17.33
N ALA A 320 -17.07 -13.24 -18.62
CA ALA A 320 -15.77 -12.70 -19.00
C ALA A 320 -15.65 -11.23 -18.62
N ALA A 321 -16.70 -10.45 -18.87
CA ALA A 321 -16.68 -9.05 -18.47
C ALA A 321 -16.63 -8.90 -16.96
N ALA A 322 -17.27 -9.82 -16.23
CA ALA A 322 -17.22 -9.75 -14.77
C ALA A 322 -15.83 -10.05 -14.25
N TRP A 323 -15.12 -10.97 -14.88
CA TRP A 323 -13.76 -11.28 -14.46
C TRP A 323 -12.80 -10.15 -14.79
N PHE A 324 -12.96 -9.54 -15.97
CA PHE A 324 -12.17 -8.36 -16.30
C PHE A 324 -12.42 -7.22 -15.32
N TYR A 325 -13.69 -7.06 -14.92
CA TYR A 325 -14.04 -5.97 -14.01
C TYR A 325 -13.37 -6.14 -12.65
N LYS A 326 -13.36 -7.37 -12.12
CA LYS A 326 -12.80 -7.59 -10.79
C LYS A 326 -11.30 -7.35 -10.76
N ALA A 327 -10.62 -7.54 -11.89
CA ALA A 327 -9.19 -7.25 -11.97
C ALA A 327 -8.91 -5.82 -12.41
N ALA A 328 -9.83 -5.19 -13.13
CA ALA A 328 -9.63 -3.82 -13.56
C ALA A 328 -9.62 -2.85 -12.39
N GLN A 330 -8.45 -3.51 -9.47
CA GLN A 330 -7.17 -3.69 -8.80
C GLN A 330 -6.00 -3.14 -9.60
N GLY A 331 -6.25 -2.50 -10.74
CA GLY A 331 -5.22 -1.81 -11.49
C GLY A 331 -4.64 -2.59 -12.66
N ASN A 332 -5.24 -3.71 -13.04
CA ASN A 332 -4.71 -4.50 -14.16
C ASN A 332 -5.06 -3.79 -15.46
N ALA A 333 -4.05 -3.18 -16.11
CA ALA A 333 -4.28 -2.42 -17.33
C ALA A 333 -4.77 -3.31 -18.46
N ASP A 334 -4.36 -4.58 -18.46
CA ASP A 334 -4.84 -5.50 -19.50
C ASP A 334 -6.34 -5.76 -19.37
N ALA A 335 -6.82 -5.94 -18.14
CA ALA A 335 -8.25 -6.12 -17.92
C ALA A 335 -9.01 -4.83 -18.21
N GLN A 336 -8.45 -3.68 -17.80
CA GLN A 336 -9.06 -2.40 -18.11
C GLN A 336 -9.20 -2.20 -19.61
N LEU A 337 -8.26 -2.73 -20.39
CA LEU A 337 -8.32 -2.59 -21.84
C LEU A 337 -9.42 -3.47 -22.43
N ARG A 338 -9.50 -4.72 -21.99
CA ARG A 338 -10.53 -5.63 -22.50
C ARG A 338 -11.92 -5.16 -22.12
N LEU A 339 -12.12 -4.80 -20.85
CA LEU A 339 -13.44 -4.37 -20.39
C LEU A 339 -13.86 -3.07 -21.05
N GLY A 340 -12.91 -2.17 -21.31
CA GLY A 340 -13.26 -0.92 -21.96
C GLY A 340 -13.79 -1.12 -23.37
N TYR A 341 -13.22 -2.07 -24.10
CA TYR A 341 -13.71 -2.36 -25.45
C TYR A 341 -15.09 -3.01 -25.40
N TYR A 343 -17.31 -2.48 -23.29
CA TYR A 343 -18.27 -1.42 -23.03
C TYR A 343 -18.51 -0.53 -24.24
N ALA A 344 -17.47 -0.32 -25.05
CA ALA A 344 -17.61 0.53 -26.23
C ALA A 344 -18.53 -0.08 -27.29
N ARG A 345 -18.71 -1.40 -27.28
CA ARG A 345 -19.54 -2.06 -28.27
C ARG A 345 -20.60 -2.97 -27.66
N GLY A 346 -20.61 -3.15 -26.35
CA GLY A 346 -21.68 -3.89 -25.70
C GLY A 346 -21.55 -5.39 -25.78
N ILE A 347 -20.35 -5.90 -25.52
CA ILE A 347 -20.10 -7.34 -25.45
C ILE A 347 -20.16 -7.77 -23.99
N GLY A 348 -21.16 -8.57 -23.64
CA GLY A 348 -21.32 -9.06 -22.28
C GLY A 348 -21.93 -8.06 -21.35
N VAL A 349 -21.87 -6.78 -21.72
CA VAL A 349 -22.38 -5.68 -20.91
C VAL A 349 -23.13 -4.73 -21.82
N PRO A 350 -23.96 -3.82 -21.28
CA PRO A 350 -24.62 -2.84 -22.14
C PRO A 350 -23.63 -1.90 -22.81
N VAL A 351 -24.06 -1.31 -23.92
CA VAL A 351 -23.26 -0.32 -24.64
C VAL A 351 -23.22 0.95 -23.80
N ASP A 352 -22.08 1.21 -23.16
CA ASP A 352 -21.91 2.36 -22.27
C ASP A 352 -20.62 3.07 -22.65
N LYS A 353 -20.75 4.16 -23.41
CA LYS A 353 -19.60 4.91 -23.89
C LYS A 353 -18.90 5.67 -22.76
N PRO A 354 -19.63 6.27 -21.78
CA PRO A 354 -18.95 6.80 -20.60
C PRO A 354 -18.03 5.80 -19.92
N LYS A 355 -18.57 4.63 -19.56
CA LYS A 355 -17.76 3.61 -18.89
C LYS A 355 -16.65 3.09 -19.79
N ALA A 356 -16.86 3.10 -21.11
CA ALA A 356 -15.84 2.62 -22.03
C ALA A 356 -14.58 3.49 -21.95
N VAL A 357 -14.74 4.80 -22.20
CA VAL A 357 -13.60 5.70 -22.10
C VAL A 357 -13.09 5.82 -20.67
N ALA A 358 -13.94 5.53 -19.68
CA ALA A 358 -13.50 5.58 -18.29
C ALA A 358 -12.39 4.57 -18.04
N TRP A 359 -12.54 3.36 -18.57
CA TRP A 359 -11.52 2.33 -18.37
C TRP A 359 -10.39 2.44 -19.39
N LEU A 360 -10.67 3.00 -20.57
CA LEU A 360 -9.65 3.07 -21.61
C LEU A 360 -8.55 4.07 -21.23
N GLU A 361 -8.92 5.30 -20.90
CA GLU A 361 -7.91 6.27 -20.48
C GLU A 361 -7.33 5.93 -19.12
N LYS A 362 -8.02 5.11 -18.32
CA LYS A 362 -7.43 4.61 -17.10
C LYS A 362 -6.38 3.53 -17.38
N ALA A 363 -6.52 2.83 -18.50
CA ALA A 363 -5.53 1.85 -18.94
C ALA A 363 -4.43 2.47 -19.78
N ALA A 364 -4.76 3.51 -20.56
CA ALA A 364 -3.73 4.19 -21.34
C ALA A 364 -2.74 4.92 -20.45
N SER A 365 -3.20 5.42 -19.30
CA SER A 365 -2.29 6.07 -18.36
C SER A 365 -1.27 5.09 -17.81
N ALA A 366 -1.63 3.81 -17.72
CA ALA A 366 -0.70 2.77 -17.28
C ALA A 366 0.28 2.36 -18.36
N GLY A 367 0.23 2.98 -19.53
CA GLY A 367 1.17 2.69 -20.60
C GLY A 367 0.63 1.82 -21.72
N ASN A 368 -0.65 1.49 -21.70
CA ASN A 368 -1.22 0.65 -22.74
C ASN A 368 -1.44 1.49 -24.00
N THR A 369 -0.68 1.18 -25.06
CA THR A 369 -0.72 2.01 -26.26
C THR A 369 -2.04 1.85 -27.01
N VAL A 370 -2.44 0.60 -27.25
CA VAL A 370 -3.65 0.35 -28.04
C VAL A 370 -4.90 0.87 -27.34
N ALA A 371 -4.85 1.04 -26.01
CA ALA A 371 -5.97 1.65 -25.31
C ALA A 371 -6.17 3.10 -25.74
N GLY A 372 -5.07 3.84 -25.93
CA GLY A 372 -5.16 5.21 -26.41
C GLY A 372 -5.52 5.32 -27.88
N GLN A 373 -5.24 4.29 -28.66
CA GLN A 373 -5.63 4.30 -30.07
C GLN A 373 -7.15 4.16 -30.20
N TRP A 374 -7.74 3.25 -29.43
CA TRP A 374 -9.20 3.15 -29.40
C TRP A 374 -9.83 4.40 -28.79
N LEU A 375 -9.19 4.94 -27.75
CA LEU A 375 -9.67 6.17 -27.14
C LEU A 375 -9.65 7.33 -28.14
N LYS A 376 -8.69 7.31 -29.08
CA LYS A 376 -8.61 8.34 -30.10
C LYS A 376 -9.75 8.23 -31.11
N GLN A 377 -10.41 7.07 -31.19
CA GLN A 377 -11.50 6.86 -32.13
C GLN A 377 -12.85 7.33 -31.61
N LEU A 378 -13.03 7.37 -30.29
CA LEU A 378 -14.30 7.72 -29.67
C LEU A 378 -14.44 9.22 -29.46
N ASP A 379 -14.15 9.99 -30.50
CA ASP A 379 -14.23 11.45 -30.46
C ASP A 379 -13.40 12.05 -29.31
N LYS B 4 22.55 11.09 -35.41
CA LYS B 4 21.52 10.65 -36.35
C LYS B 4 20.66 9.55 -35.75
N LYS B 5 21.01 9.11 -34.54
CA LYS B 5 20.21 8.13 -33.83
C LYS B 5 19.15 8.78 -32.93
N LEU B 6 19.28 10.08 -32.67
CA LEU B 6 18.27 10.78 -31.88
C LEU B 6 16.95 10.91 -32.64
N ASP B 7 17.01 10.92 -33.97
CA ASP B 7 15.81 11.17 -34.77
C ASP B 7 14.72 10.16 -34.46
N ALA B 8 15.09 8.89 -34.27
CA ALA B 8 14.09 7.88 -33.92
C ALA B 8 13.54 8.12 -32.52
N LEU B 9 14.39 8.56 -31.59
CA LEU B 9 13.93 8.82 -30.23
C LEU B 9 13.08 10.08 -30.16
N LEU B 10 13.49 11.14 -30.86
CA LEU B 10 12.72 12.38 -30.83
C LEU B 10 11.39 12.25 -31.54
N ALA B 11 11.28 11.32 -32.49
CA ALA B 11 10.04 11.11 -33.23
C ALA B 11 9.00 10.34 -32.44
N PRO B 13 6.11 9.61 -29.98
CA PRO B 13 5.05 10.51 -29.52
C PRO B 13 5.04 10.66 -28.01
N VAL B 14 4.70 11.86 -27.56
CA VAL B 14 4.60 12.16 -26.14
C VAL B 14 3.19 11.83 -25.65
N LYS B 15 3.10 11.33 -24.42
CA LYS B 15 1.83 10.92 -23.84
C LYS B 15 1.15 12.15 -23.22
N GLU B 16 0.12 12.65 -23.89
CA GLU B 16 -0.64 13.77 -23.37
C GLU B 16 -1.45 13.36 -22.15
N THR B 17 -1.61 14.30 -21.21
CA THR B 17 -2.41 14.07 -20.01
C THR B 17 -3.41 15.21 -19.85
N LYS B 18 -4.37 14.99 -18.96
CA LYS B 18 -5.36 16.00 -18.65
C LYS B 18 -4.74 17.14 -17.85
N VAL B 19 -5.52 18.19 -17.63
CA VAL B 19 -5.06 19.31 -16.82
C VAL B 19 -4.82 18.85 -15.39
N PHE B 20 -5.75 18.09 -14.83
CA PHE B 20 -5.61 17.47 -13.52
C PHE B 20 -5.44 15.97 -13.71
N VAL B 21 -4.44 15.40 -13.04
CA VAL B 21 -4.15 13.97 -13.11
C VAL B 21 -4.37 13.39 -11.73
N GLU B 22 -5.46 12.65 -11.56
CA GLU B 22 -5.80 12.03 -10.29
C GLU B 22 -5.18 10.63 -10.22
N SER B 23 -5.10 10.11 -8.99
CA SER B 23 -4.56 8.78 -8.77
C SER B 23 -5.48 7.73 -9.36
N ASN B 24 -4.87 6.70 -9.97
CA ASN B 24 -5.64 5.61 -10.56
C ASN B 24 -6.04 4.55 -9.55
N GLU B 25 -5.65 4.69 -8.29
CA GLU B 25 -5.93 3.70 -7.26
C GLU B 25 -7.32 3.91 -6.67
N GLU B 26 -7.92 2.81 -6.22
CA GLU B 26 -9.25 2.87 -5.61
C GLU B 26 -9.20 3.73 -4.34
N PRO B 27 -10.11 4.69 -4.19
CA PRO B 27 -10.09 5.55 -2.99
C PRO B 27 -10.26 4.78 -1.70
N LEU B 28 -10.96 3.65 -1.73
CA LEU B 28 -11.14 2.87 -0.51
C LEU B 28 -9.81 2.35 0.02
N PHE B 29 -8.97 1.82 -0.88
CA PHE B 29 -7.68 1.31 -0.45
C PHE B 29 -6.72 2.44 -0.07
N VAL B 30 -6.91 3.62 -0.64
CA VAL B 30 -6.03 4.75 -0.32
C VAL B 30 -6.30 5.25 1.10
N LEU B 32 -7.48 3.53 3.53
CA LEU B 32 -7.06 2.49 4.47
C LEU B 32 -5.59 2.64 4.84
N LYS B 33 -4.75 3.07 3.89
CA LYS B 33 -3.34 3.28 4.18
C LYS B 33 -3.10 4.55 4.99
N SER B 34 -3.95 5.55 4.82
CA SER B 34 -3.79 6.84 5.50
C SER B 34 -3.92 6.68 7.02
N GLY B 65 1.88 -8.52 41.20
CA GLY B 65 1.10 -7.33 41.50
C GLY B 65 1.29 -6.83 42.92
N GLY B 66 1.68 -5.56 43.05
CA GLY B 66 1.94 -4.98 44.35
C GLY B 66 0.71 -4.49 45.08
N ALA B 67 0.84 -3.38 45.81
CA ALA B 67 -0.27 -2.82 46.58
C ALA B 67 -1.16 -1.91 45.75
N TRP B 68 -0.61 -1.30 44.69
CA TRP B 68 -1.43 -0.47 43.82
C TRP B 68 -2.43 -1.29 43.03
N GLN B 70 -3.89 -4.19 44.00
CA GLN B 70 -4.98 -4.58 44.89
C GLN B 70 -5.97 -3.44 45.07
N GLN B 71 -5.46 -2.20 45.12
CA GLN B 71 -6.35 -1.03 45.11
C GLN B 71 -7.07 -0.92 43.78
N LEU B 72 -6.38 -1.22 42.68
CA LEU B 72 -6.99 -1.12 41.36
C LEU B 72 -8.01 -2.25 41.14
N ARG B 73 -7.66 -3.47 41.56
CA ARG B 73 -8.58 -4.60 41.37
C ARG B 73 -9.84 -4.43 42.20
N HIS B 74 -9.75 -3.75 43.35
CA HIS B 74 -10.93 -3.53 44.17
C HIS B 74 -11.94 -2.64 43.44
N GLN B 75 -11.46 -1.57 42.82
CA GLN B 75 -12.34 -0.68 42.06
C GLN B 75 -13.01 -1.44 40.92
N ALA B 76 -12.26 -2.34 40.27
CA ALA B 76 -12.80 -3.09 39.15
C ALA B 76 -13.91 -4.02 39.58
N ASP B 77 -13.76 -4.66 40.74
CA ASP B 77 -14.75 -5.63 41.23
C ASP B 77 -15.98 -4.98 41.84
N GLN B 78 -16.11 -3.66 41.77
CA GLN B 78 -17.25 -2.97 42.37
C GLN B 78 -17.90 -1.97 41.43
N GLY B 79 -17.71 -2.11 40.12
CA GLY B 79 -18.44 -1.36 39.13
C GLY B 79 -17.64 -0.36 38.33
N ASP B 80 -16.44 0.00 38.79
CA ASP B 80 -15.63 0.99 38.08
C ASP B 80 -15.15 0.39 36.76
N ALA B 81 -15.88 0.69 35.68
CA ALA B 81 -15.55 0.10 34.39
C ALA B 81 -14.23 0.65 33.84
N LYS B 82 -13.88 1.89 34.20
CA LYS B 82 -12.60 2.43 33.77
C LYS B 82 -11.44 1.67 34.40
N SER B 83 -11.52 1.39 35.69
CA SER B 83 -10.46 0.64 36.36
C SER B 83 -10.40 -0.80 35.85
N ALA B 84 -11.56 -1.40 35.56
CA ALA B 84 -11.57 -2.76 35.03
C ALA B 84 -10.92 -2.82 33.65
N PHE B 85 -11.04 -1.74 32.87
CA PHE B 85 -10.39 -1.72 31.57
C PHE B 85 -8.89 -1.51 31.70
N TRP B 86 -8.47 -0.60 32.58
CA TRP B 86 -7.05 -0.34 32.76
C TRP B 86 -6.32 -1.58 33.26
N LEU B 87 -6.89 -2.25 34.26
CA LEU B 87 -6.29 -3.48 34.77
C LEU B 87 -6.39 -4.60 33.75
N GLY B 88 -7.52 -4.70 33.06
CA GLY B 88 -7.69 -5.76 32.08
C GLY B 88 -6.77 -5.61 30.88
N ARG B 89 -6.64 -4.39 30.36
CA ARG B 89 -5.75 -4.17 29.23
C ARG B 89 -4.29 -4.34 29.62
N PHE B 90 -3.93 -3.90 30.83
CA PHE B 90 -2.57 -4.11 31.32
C PHE B 90 -2.26 -5.59 31.44
N THR B 91 -3.24 -6.39 31.89
CA THR B 91 -2.98 -7.80 32.14
C THR B 91 -2.84 -8.59 30.84
N VAL B 92 -3.54 -8.18 29.78
CA VAL B 92 -3.47 -8.93 28.53
C VAL B 92 -2.25 -8.54 27.70
N GLU B 93 -1.69 -7.35 27.90
CA GLU B 93 -0.57 -6.89 27.10
C GLU B 93 0.78 -7.05 27.80
N ASP B 94 0.79 -7.20 29.12
CA ASP B 94 2.03 -7.38 29.86
C ASP B 94 2.36 -8.85 30.07
N SER B 95 1.41 -9.61 30.62
CA SER B 95 1.70 -10.95 31.11
C SER B 95 1.91 -11.92 29.95
N ARG B 96 2.60 -13.01 30.27
CA ARG B 96 2.85 -14.10 29.33
C ARG B 96 2.03 -15.35 29.62
N ASP B 97 1.62 -15.56 30.87
CA ASP B 97 0.81 -16.72 31.20
C ASP B 97 -0.57 -16.58 30.57
N GLY B 98 -1.02 -17.64 29.90
CA GLY B 98 -2.33 -17.63 29.27
C GLY B 98 -3.48 -17.49 30.25
N LYS B 99 -3.27 -17.87 31.51
CA LYS B 99 -4.31 -17.70 32.51
C LYS B 99 -4.48 -16.24 32.92
N THR B 100 -3.40 -15.47 32.87
CA THR B 100 -3.52 -14.03 33.14
C THR B 100 -4.13 -13.29 31.95
N ILE B 101 -3.83 -13.73 30.73
CA ILE B 101 -4.48 -13.15 29.55
C ILE B 101 -5.98 -13.40 29.59
N ASP B 102 -6.37 -14.60 30.00
CA ASP B 102 -7.80 -14.91 30.14
C ASP B 102 -8.45 -13.99 31.16
N GLU B 103 -7.82 -13.82 32.32
CA GLU B 103 -8.39 -12.97 33.37
C GLU B 103 -8.50 -11.52 32.92
N GLY B 104 -7.59 -11.07 32.06
CA GLY B 104 -7.64 -9.68 31.61
C GLY B 104 -8.76 -9.44 30.62
N ILE B 105 -9.00 -10.39 29.72
CA ILE B 105 -10.07 -10.23 28.74
C ILE B 105 -11.43 -10.25 29.43
N ARG B 106 -11.57 -11.03 30.50
CA ARG B 106 -12.82 -11.00 31.27
C ARG B 106 -13.04 -9.63 31.88
N LEU B 107 -11.97 -8.99 32.35
CA LEU B 107 -12.09 -7.62 32.85
C LEU B 107 -12.44 -6.65 31.74
N ILE B 108 -11.89 -6.86 30.54
CA ILE B 108 -12.23 -6.01 29.41
C ILE B 108 -13.69 -6.21 29.03
N ARG B 109 -14.15 -7.46 29.01
CA ARG B 109 -15.56 -7.72 28.71
C ARG B 109 -16.46 -7.17 29.80
N ARG B 110 -16.04 -7.28 31.07
CA ARG B 110 -16.80 -6.68 32.15
C ARG B 110 -16.91 -5.17 31.99
N SER B 111 -15.85 -4.54 31.50
CA SER B 111 -15.89 -3.10 31.24
C SER B 111 -16.64 -2.78 29.95
N ALA B 112 -16.58 -3.65 28.95
CA ALA B 112 -17.30 -3.41 27.71
C ALA B 112 -18.81 -3.53 27.92
N GLU B 113 -19.24 -4.56 28.66
CA GLU B 113 -20.66 -4.67 28.99
C GLU B 113 -21.13 -3.51 29.86
N GLY B 114 -20.24 -2.97 30.69
CA GLY B 114 -20.57 -1.81 31.50
C GLY B 114 -20.77 -0.53 30.71
N GLY B 115 -20.36 -0.51 29.45
CA GLY B 115 -20.58 0.64 28.58
C GLY B 115 -19.37 1.49 28.31
N PHE B 116 -18.20 1.13 28.81
CA PHE B 116 -17.00 1.92 28.56
C PHE B 116 -16.61 1.84 27.10
N VAL B 117 -16.38 2.99 26.48
CA VAL B 117 -16.12 3.03 25.05
C VAL B 117 -14.78 2.39 24.71
N ARG B 118 -13.76 2.62 25.55
CA ARG B 118 -12.44 2.06 25.30
C ARG B 118 -12.47 0.53 25.33
N ALA B 119 -13.27 -0.05 26.23
CA ALA B 119 -13.35 -1.49 26.31
C ALA B 119 -14.13 -2.08 25.13
N GLN B 120 -15.18 -1.39 24.70
CA GLN B 120 -15.92 -1.84 23.52
C GLN B 120 -15.02 -1.86 22.29
N LEU B 121 -14.17 -0.84 22.15
CA LEU B 121 -13.26 -0.78 21.01
C LEU B 121 -12.20 -1.87 21.10
N TYR B 122 -11.59 -2.02 22.27
CA TYR B 122 -10.54 -3.02 22.44
C TYR B 122 -11.07 -4.44 22.22
N LEU B 123 -12.22 -4.75 22.82
CA LEU B 123 -12.82 -6.07 22.65
C LEU B 123 -13.27 -6.29 21.21
N GLY B 124 -13.69 -5.23 20.53
CA GLY B 124 -14.10 -5.38 19.14
C GLY B 124 -12.94 -5.75 18.23
N THR B 125 -11.79 -5.09 18.38
CA THR B 125 -10.63 -5.41 17.56
C THR B 125 -10.11 -6.81 17.85
N LEU B 126 -10.25 -7.27 19.10
CA LEU B 126 -9.83 -8.62 19.43
C LEU B 126 -10.59 -9.65 18.60
N TYR B 127 -11.88 -9.40 18.35
CA TYR B 127 -12.67 -10.31 17.54
C TYR B 127 -12.55 -10.04 16.05
N ALA B 128 -12.06 -8.87 15.67
CA ALA B 128 -11.82 -8.58 14.26
C ALA B 128 -10.47 -9.11 13.79
N ASN B 129 -9.46 -9.10 14.66
CA ASN B 129 -8.13 -9.59 14.32
C ASN B 129 -7.90 -11.03 14.74
N GLY B 130 -8.83 -11.64 15.46
CA GLY B 130 -8.62 -12.98 15.98
C GLY B 130 -7.54 -13.08 17.04
N THR B 131 -7.32 -12.01 17.79
CA THR B 131 -6.30 -11.99 18.81
C THR B 131 -6.82 -12.66 20.08
N HIS B 132 -6.04 -13.61 20.60
CA HIS B 132 -6.39 -14.38 21.80
C HIS B 132 -7.66 -15.19 21.57
N VAL B 133 -8.79 -14.54 21.36
CA VAL B 133 -10.02 -15.22 21.01
C VAL B 133 -10.07 -15.42 19.50
N LYS B 134 -10.91 -16.35 19.05
CA LYS B 134 -11.04 -16.61 17.63
C LYS B 134 -11.87 -15.51 16.97
N ALA B 135 -11.49 -15.17 15.74
CA ALA B 135 -12.14 -14.08 15.02
C ALA B 135 -13.62 -14.39 14.80
N ASP B 136 -14.48 -13.46 15.22
CA ASP B 136 -15.92 -13.56 15.02
C ASP B 136 -16.37 -12.25 14.38
N PRO B 137 -16.58 -12.23 13.07
CA PRO B 137 -16.95 -10.97 12.41
C PRO B 137 -18.24 -10.37 12.93
N HIS B 138 -19.20 -11.20 13.36
CA HIS B 138 -20.44 -10.66 13.90
C HIS B 138 -20.25 -10.14 15.32
N GLU B 139 -19.44 -10.84 16.13
CA GLU B 139 -19.13 -10.33 17.46
C GLU B 139 -18.23 -9.10 17.39
N ALA B 140 -17.33 -9.05 16.40
CA ALA B 140 -16.53 -7.86 16.19
C ALA B 140 -17.41 -6.69 15.76
N GLU B 141 -18.37 -6.93 14.86
CA GLU B 141 -19.27 -5.87 14.43
C GLU B 141 -20.10 -5.33 15.59
N LYS B 142 -20.46 -6.19 16.54
CA LYS B 142 -21.26 -5.75 17.68
C LYS B 142 -20.51 -4.71 18.50
N TRP B 143 -19.31 -5.05 18.95
CA TRP B 143 -18.57 -4.17 19.86
C TRP B 143 -17.97 -2.96 19.15
N LEU B 144 -17.55 -3.12 17.89
CA LEU B 144 -17.02 -1.98 17.16
C LEU B 144 -18.12 -0.98 16.79
N SER B 145 -19.33 -1.47 16.52
CA SER B 145 -20.44 -0.56 16.23
C SER B 145 -20.85 0.22 17.47
N ARG B 146 -20.77 -0.39 18.66
CA ARG B 146 -21.09 0.34 19.88
C ARG B 146 -20.02 1.38 20.19
N ALA B 147 -18.75 1.05 19.92
CA ALA B 147 -17.69 2.02 20.13
C ALA B 147 -17.87 3.24 19.23
N ALA B 148 -18.17 3.00 17.95
CA ALA B 148 -18.41 4.12 17.04
C ALA B 148 -19.71 4.84 17.38
N GLY B 149 -20.68 4.12 17.95
CA GLY B 149 -21.95 4.73 18.31
C GLY B 149 -21.84 5.78 19.39
N GLN B 150 -20.73 5.80 20.13
CA GLN B 150 -20.53 6.80 21.17
C GLN B 150 -19.10 7.32 21.21
N GLY B 151 -18.27 7.02 20.21
CA GLY B 151 -16.88 7.38 20.21
C GLY B 151 -16.55 8.54 19.29
N SER B 152 -15.25 8.79 19.17
CA SER B 152 -14.77 9.91 18.37
C SER B 152 -15.02 9.65 16.89
N PRO B 153 -15.10 10.72 16.09
CA PRO B 153 -15.22 10.52 14.63
C PRO B 153 -14.06 9.74 14.03
N VAL B 155 -12.76 7.17 15.41
CA VAL B 155 -13.21 5.80 15.59
C VAL B 155 -14.31 5.47 14.59
N GLN B 156 -15.22 6.42 14.33
CA GLN B 156 -16.31 6.17 13.40
C GLN B 156 -15.80 5.99 11.98
N LEU B 157 -14.85 6.83 11.55
CA LEU B 157 -14.27 6.67 10.22
C LEU B 157 -13.50 5.35 10.13
N TYR B 158 -12.76 5.00 11.18
CA TYR B 158 -12.02 3.74 11.19
C TYR B 158 -12.95 2.55 11.02
N LEU B 159 -14.12 2.58 11.67
CA LEU B 159 -15.09 1.51 11.50
C LEU B 159 -15.74 1.57 10.12
N GLY B 160 -16.04 2.77 9.64
CA GLY B 160 -16.65 2.89 8.32
C GLY B 160 -15.79 2.32 7.21
N LEU B 161 -14.47 2.53 7.31
CA LEU B 161 -13.56 1.98 6.31
C LEU B 161 -13.53 0.46 6.40
N TYR B 163 -15.91 -1.51 7.25
CA TYR B 163 -17.11 -2.02 6.60
C TYR B 163 -16.91 -2.15 5.09
N GLY B 164 -16.18 -1.21 4.49
CA GLY B 164 -15.91 -1.29 3.07
C GLY B 164 -14.84 -2.29 2.71
N HIS B 165 -13.91 -2.55 3.62
CA HIS B 165 -12.85 -3.51 3.33
C HIS B 165 -13.33 -4.94 3.46
N GLY B 166 -14.19 -5.22 4.43
CA GLY B 166 -14.70 -6.57 4.64
C GLY B 166 -13.88 -7.44 5.56
N LYS B 167 -12.72 -6.96 6.02
CA LYS B 167 -11.88 -7.72 6.92
C LYS B 167 -12.18 -7.34 8.36
N GLY B 168 -12.40 -8.34 9.20
CA GLY B 168 -12.77 -8.11 10.59
C GLY B 168 -14.26 -8.03 10.84
N VAL B 169 -14.97 -7.29 10.00
CA VAL B 169 -16.43 -7.18 10.08
C VAL B 169 -16.99 -7.56 8.72
N PRO B 170 -18.25 -8.01 8.68
CA PRO B 170 -18.87 -8.31 7.39
C PRO B 170 -18.92 -7.06 6.51
N ARG B 171 -18.64 -7.25 5.22
CA ARG B 171 -18.67 -6.12 4.29
C ARG B 171 -20.10 -5.61 4.13
N ASP B 172 -20.26 -4.29 4.27
CA ASP B 172 -21.56 -3.65 4.10
C ASP B 172 -21.28 -2.21 3.66
N LEU B 173 -21.44 -1.95 2.36
CA LEU B 173 -21.15 -0.63 1.83
C LEU B 173 -22.10 0.43 2.38
N ASN B 174 -23.34 0.04 2.69
CA ASN B 174 -24.28 1.00 3.27
C ASN B 174 -23.84 1.42 4.67
N LYS B 175 -23.48 0.44 5.51
CA LYS B 175 -22.98 0.78 6.84
C LYS B 175 -21.66 1.53 6.77
N SER B 176 -20.86 1.25 5.73
CA SER B 176 -19.60 1.98 5.56
C SER B 176 -19.85 3.47 5.34
N LEU B 177 -20.77 3.79 4.40
CA LEU B 177 -21.08 5.19 4.14
C LEU B 177 -21.72 5.86 5.35
N PHE B 178 -22.48 5.11 6.15
CA PHE B 178 -23.11 5.70 7.32
C PHE B 178 -22.08 6.21 8.31
N TRP B 179 -21.08 5.39 8.63
CA TRP B 179 -20.07 5.79 9.59
C TRP B 179 -19.03 6.73 8.99
N VAL B 180 -18.84 6.72 7.67
CA VAL B 180 -17.95 7.70 7.05
C VAL B 180 -18.62 9.06 7.03
N GLU B 181 -19.90 9.11 6.67
CA GLU B 181 -20.64 10.37 6.73
C GLU B 181 -20.79 10.85 8.17
N LYS B 182 -20.97 9.93 9.11
CA LYS B 182 -21.10 10.31 10.51
C LYS B 182 -19.86 11.04 10.99
N ALA B 183 -18.68 10.51 10.66
CA ALA B 183 -17.43 11.18 11.03
C ALA B 183 -17.23 12.46 10.23
N ALA B 184 -17.67 12.47 8.98
CA ALA B 184 -17.49 13.66 8.14
C ALA B 184 -18.42 14.79 8.60
N ASP B 185 -19.66 14.46 8.96
CA ASP B 185 -20.60 15.48 9.40
C ASP B 185 -20.22 16.09 10.74
N ARG B 186 -19.36 15.43 11.51
CA ARG B 186 -18.91 15.96 12.79
C ARG B 186 -17.68 16.84 12.67
N GLY B 187 -17.17 17.05 11.47
CA GLY B 187 -16.05 17.96 11.24
C GLY B 187 -14.70 17.31 11.04
N LEU B 188 -14.64 16.00 10.89
CA LEU B 188 -13.35 15.33 10.66
C LEU B 188 -12.94 15.48 9.21
N PRO B 189 -11.77 16.06 8.91
CA PRO B 189 -11.42 16.31 7.50
C PRO B 189 -11.14 15.03 6.73
N HIS B 190 -10.49 14.04 7.35
CA HIS B 190 -10.16 12.81 6.65
C HIS B 190 -11.42 12.10 6.15
N ALA B 191 -12.46 12.06 6.98
CA ALA B 191 -13.72 11.45 6.56
C ALA B 191 -14.40 12.28 5.48
N GLN B 192 -14.30 13.61 5.58
CA GLN B 192 -14.88 14.48 4.55
C GLN B 192 -14.22 14.24 3.20
N LEU B 193 -12.88 14.15 3.18
CA LEU B 193 -12.17 13.80 1.95
C LEU B 193 -12.59 12.42 1.47
N ALA B 194 -12.66 11.45 2.39
CA ALA B 194 -13.00 10.08 2.02
C ALA B 194 -14.40 9.99 1.44
N ARG B 195 -15.37 10.67 2.06
CA ARG B 195 -16.73 10.64 1.54
C ARG B 195 -16.81 11.32 0.18
N GLY B 196 -16.03 12.38 -0.02
CA GLY B 196 -16.00 13.03 -1.31
C GLY B 196 -15.37 12.16 -2.37
N LEU B 197 -14.28 11.46 -2.03
CA LEU B 197 -13.64 10.57 -2.99
C LEU B 197 -14.52 9.37 -3.31
N PHE B 198 -15.21 8.83 -2.30
CA PHE B 198 -16.07 7.67 -2.53
C PHE B 198 -17.22 7.99 -3.47
N ALA B 199 -17.64 9.25 -3.56
CA ALA B 199 -18.76 9.64 -4.40
C ALA B 199 -18.34 10.08 -5.79
N SER B 200 -17.05 10.01 -6.14
CA SER B 200 -16.59 10.50 -7.43
C SER B 200 -15.51 9.67 -8.09
N PHE B 201 -14.73 8.87 -7.35
CA PHE B 201 -13.64 8.11 -7.96
C PHE B 201 -13.60 6.66 -7.52
N SER B 202 -14.64 6.16 -6.85
CA SER B 202 -14.67 4.80 -6.37
C SER B 202 -15.53 3.92 -7.27
N HIS B 203 -15.16 2.65 -7.36
CA HIS B 203 -15.96 1.65 -8.05
C HIS B 203 -16.75 0.77 -7.09
N TYR B 204 -16.42 0.79 -5.81
CA TYR B 204 -17.26 0.14 -4.81
C TYR B 204 -18.48 1.00 -4.49
N TYR B 205 -18.26 2.23 -4.02
CA TYR B 205 -19.33 3.12 -3.66
C TYR B 205 -19.96 3.76 -4.89
N PRO B 206 -21.22 4.20 -4.80
CA PRO B 206 -21.88 4.79 -5.96
C PRO B 206 -21.34 6.17 -6.28
N ARG B 207 -21.81 6.71 -7.41
CA ARG B 207 -21.36 7.99 -7.93
C ARG B 207 -22.39 9.08 -7.62
N ASP B 208 -21.93 10.15 -6.98
CA ASP B 208 -22.76 11.34 -6.73
C ASP B 208 -21.81 12.53 -6.77
N ASP B 209 -21.63 13.09 -7.97
CA ASP B 209 -20.72 14.22 -8.14
C ASP B 209 -21.21 15.44 -7.36
N GLU B 210 -22.52 15.61 -7.23
CA GLU B 210 -23.03 16.68 -6.38
C GLU B 210 -22.62 16.48 -4.93
N LYS B 211 -22.70 15.25 -4.43
CA LYS B 211 -22.27 14.95 -3.07
C LYS B 211 -20.76 15.06 -2.92
N ALA B 212 -20.02 14.71 -3.97
CA ALA B 212 -18.56 14.76 -3.90
C ALA B 212 -18.07 16.19 -3.68
N VAL B 213 -18.61 17.14 -4.44
CA VAL B 213 -18.21 18.53 -4.28
C VAL B 213 -18.56 19.04 -2.89
N LEU B 214 -19.66 18.55 -2.31
CA LEU B 214 -20.07 19.00 -0.99
C LEU B 214 -19.03 18.65 0.06
N TYR B 215 -18.66 17.37 0.15
CA TYR B 215 -17.73 16.94 1.18
C TYR B 215 -16.29 17.32 0.87
N LEU B 216 -15.90 17.35 -0.41
CA LEU B 216 -14.58 17.84 -0.76
C LEU B 216 -14.41 19.31 -0.39
N THR B 217 -15.48 20.09 -0.51
CA THR B 217 -15.41 21.50 -0.12
C THR B 217 -15.21 21.64 1.39
N LYS B 218 -15.92 20.83 2.18
CA LYS B 218 -15.79 20.90 3.64
C LYS B 218 -14.36 20.62 4.07
N ALA B 219 -13.73 19.61 3.48
CA ALA B 219 -12.34 19.30 3.82
C ALA B 219 -11.38 20.31 3.23
N ALA B 220 -11.74 20.92 2.09
CA ALA B 220 -10.86 21.91 1.48
C ALA B 220 -10.78 23.18 2.33
N LYS B 221 -11.89 23.58 2.94
CA LYS B 221 -11.89 24.77 3.78
C LYS B 221 -11.05 24.59 5.03
N GLN B 222 -10.83 23.36 5.47
CA GLN B 222 -9.98 23.07 6.62
C GLN B 222 -8.50 22.95 6.24
N GLY B 223 -8.15 23.22 4.98
CA GLY B 223 -6.77 23.31 4.58
C GLY B 223 -6.14 22.02 4.09
N PRO B 225 -4.65 19.79 1.56
CA PRO B 225 -4.16 19.99 0.19
C PRO B 225 -4.70 18.97 -0.80
N ALA B 227 -7.67 17.45 -0.57
CA ALA B 227 -9.06 17.81 -0.79
C ALA B 227 -9.18 18.99 -1.73
N GLN B 228 -8.34 20.01 -1.54
CA GLN B 228 -8.34 21.17 -2.44
C GLN B 228 -8.01 20.77 -3.86
N PHE B 229 -7.10 19.82 -4.03
CA PHE B 229 -6.73 19.37 -5.37
C PHE B 229 -7.91 18.71 -6.07
N TYR B 230 -8.52 17.73 -5.41
CA TYR B 230 -9.66 17.04 -6.02
C TYR B 230 -10.86 17.97 -6.20
N LEU B 231 -11.01 18.95 -5.31
CA LEU B 231 -12.09 19.92 -5.48
C LEU B 231 -11.89 20.76 -6.72
N ALA B 232 -10.67 21.26 -6.93
CA ALA B 232 -10.37 21.99 -8.15
C ALA B 232 -10.55 21.13 -9.39
N LEU B 233 -10.27 19.83 -9.26
CA LEU B 233 -10.49 18.91 -10.38
C LEU B 233 -11.96 18.88 -10.78
N TYR B 235 -14.22 21.29 -10.30
CA TYR B 235 -14.57 22.56 -10.94
C TYR B 235 -14.06 22.60 -12.39
N GLN B 236 -12.83 22.13 -12.62
CA GLN B 236 -12.23 22.25 -13.94
C GLN B 236 -12.90 21.33 -14.95
N ARG B 237 -13.40 20.18 -14.51
CA ARG B 237 -14.03 19.22 -15.41
C ARG B 237 -15.55 19.30 -15.38
N GLY B 238 -16.13 20.24 -14.64
CA GLY B 238 -17.57 20.41 -14.60
C GLY B 238 -18.34 19.24 -14.05
N ARG B 239 -17.85 18.63 -12.97
CA ARG B 239 -18.51 17.51 -12.32
C ARG B 239 -19.00 17.95 -10.95
N GLY B 240 -20.31 17.80 -10.70
CA GLY B 240 -20.91 18.19 -9.45
C GLY B 240 -21.21 19.67 -9.32
N VAL B 241 -20.55 20.52 -10.10
CA VAL B 241 -20.80 21.96 -10.12
C VAL B 241 -20.64 22.45 -11.56
N GLU B 242 -21.05 23.70 -11.78
CA GLU B 242 -20.85 24.33 -13.07
C GLU B 242 -19.36 24.53 -13.31
N GLN B 243 -18.92 24.23 -14.53
CA GLN B 243 -17.50 24.32 -14.87
C GLN B 243 -17.00 25.74 -14.67
N SER B 244 -15.86 25.87 -13.98
CA SER B 244 -15.29 27.18 -13.68
C SER B 244 -13.78 27.05 -13.57
N ASN B 245 -13.06 27.72 -14.48
CA ASN B 245 -11.60 27.75 -14.38
C ASN B 245 -11.15 28.67 -13.26
N GLU B 246 -11.94 29.69 -12.92
CA GLU B 246 -11.58 30.58 -11.82
C GLU B 246 -11.55 29.83 -10.50
N GLN B 247 -12.61 29.09 -10.20
CA GLN B 247 -12.64 28.30 -8.97
C GLN B 247 -11.58 27.20 -9.00
N ALA B 248 -11.43 26.52 -10.13
CA ALA B 248 -10.42 25.48 -10.25
C ALA B 248 -9.02 26.02 -10.06
N LEU B 249 -8.78 27.28 -10.45
CA LEU B 249 -7.48 27.89 -10.22
C LEU B 249 -7.31 28.25 -8.75
N HIS B 250 -8.37 28.71 -8.10
CA HIS B 250 -8.26 29.16 -6.71
C HIS B 250 -7.95 28.01 -5.77
N TRP B 251 -8.66 26.89 -5.92
CA TRP B 251 -8.46 25.77 -5.00
C TRP B 251 -7.17 25.03 -5.29
N ASN B 252 -6.84 24.83 -6.56
CA ASN B 252 -5.59 24.16 -6.89
C ASN B 252 -4.38 25.01 -6.51
N LEU B 254 -4.21 26.99 -3.73
CA LEU B 254 -4.02 26.76 -2.31
C LEU B 254 -3.39 25.39 -2.04
N ALA B 255 -3.72 24.40 -2.85
CA ALA B 255 -3.12 23.08 -2.69
C ALA B 255 -1.67 23.08 -3.13
N ALA B 256 -1.39 23.68 -4.29
CA ALA B 256 -0.03 23.67 -4.83
C ALA B 256 0.94 24.47 -3.96
N GLU B 257 0.45 25.51 -3.28
CA GLU B 257 1.30 26.28 -2.40
C GLU B 257 1.70 25.52 -1.14
N GLN B 258 1.05 24.39 -0.86
CA GLN B 258 1.43 23.53 0.25
C GLN B 258 2.41 22.45 -0.16
N GLY B 259 2.84 22.42 -1.41
CA GLY B 259 3.77 21.42 -1.87
C GLY B 259 3.15 20.11 -2.31
N TYR B 260 1.85 20.07 -2.53
CA TYR B 260 1.18 18.87 -3.00
C TYR B 260 1.59 18.61 -4.45
N PRO B 261 2.36 17.56 -4.74
CA PRO B 261 2.93 17.42 -6.09
C PRO B 261 1.89 17.31 -7.19
N ASP B 262 0.80 16.59 -6.95
CA ASP B 262 -0.24 16.49 -7.97
C ASP B 262 -0.86 17.85 -8.27
N ALA B 263 -0.96 18.72 -7.26
CA ALA B 263 -1.47 20.07 -7.50
C ALA B 263 -0.45 20.93 -8.23
N GLU B 264 0.84 20.74 -7.93
CA GLU B 264 1.87 21.50 -8.61
C GLU B 264 1.93 21.15 -10.09
N TYR B 265 1.75 19.88 -10.43
CA TYR B 265 1.70 19.49 -11.83
C TYR B 265 0.49 20.12 -12.52
N ALA B 266 -0.65 20.16 -11.85
CA ALA B 266 -1.83 20.77 -12.44
C ALA B 266 -1.60 22.24 -12.75
N SER B 268 1.21 23.60 -13.52
CA SER B 268 2.05 23.66 -14.72
C SER B 268 1.21 23.47 -15.98
N ARG B 269 0.21 22.59 -15.91
CA ARG B 269 -0.65 22.37 -17.07
C ARG B 269 -1.57 23.57 -17.31
N ALA B 271 -0.87 26.74 -16.37
CA ALA B 271 -0.05 27.88 -16.76
C ALA B 271 0.43 27.78 -18.19
N GLU B 272 0.58 26.57 -18.72
CA GLU B 272 1.03 26.42 -20.10
C GLU B 272 -0.12 26.51 -21.09
N LEU B 273 -1.33 26.15 -20.67
CA LEU B 273 -2.50 26.14 -21.54
C LEU B 273 -3.38 27.37 -21.35
N GLY B 274 -3.07 28.24 -20.39
CA GLY B 274 -3.87 29.42 -20.13
C GLY B 274 -5.27 29.11 -19.64
N ILE B 275 -5.37 28.45 -18.51
CA ILE B 275 -6.63 27.99 -17.95
C ILE B 275 -6.83 28.76 -16.65
N GLY B 276 -7.78 29.71 -16.66
CA GLY B 276 -7.95 30.62 -15.55
C GLY B 276 -6.86 31.66 -15.43
N VAL B 277 -5.72 31.46 -16.09
CA VAL B 277 -4.64 32.43 -16.18
C VAL B 277 -4.32 32.66 -17.64
N THR B 278 -3.36 33.54 -17.90
CA THR B 278 -2.81 33.67 -19.23
C THR B 278 -1.59 32.76 -19.37
N ALA B 279 -1.38 32.22 -20.57
CA ALA B 279 -0.32 31.24 -20.78
C ALA B 279 1.04 31.83 -20.39
N ASP B 280 1.80 31.06 -19.62
CA ASP B 280 3.11 31.50 -19.12
C ASP B 280 4.00 30.26 -19.04
N LYS B 281 4.73 29.99 -20.12
CA LYS B 281 5.59 28.82 -20.16
C LYS B 281 6.76 28.93 -19.19
N ALA B 282 7.10 30.14 -18.73
CA ALA B 282 8.12 30.29 -17.71
C ALA B 282 7.56 29.90 -16.34
N TRP B 283 6.39 30.43 -15.99
CA TRP B 283 5.74 30.03 -14.75
C TRP B 283 5.35 28.55 -14.80
N SER B 284 4.97 28.06 -15.99
CA SER B 284 4.58 26.67 -16.13
C SER B 284 5.71 25.70 -15.81
N TRP B 287 6.37 25.18 -11.43
CA TRP B 287 5.45 24.13 -11.00
C TRP B 287 5.95 22.76 -11.45
N LEU B 288 6.33 22.64 -12.73
CA LEU B 288 6.85 21.37 -13.22
C LEU B 288 8.15 20.99 -12.52
N ASP B 289 9.00 21.99 -12.25
CA ASP B 289 10.26 21.72 -11.54
C ASP B 289 9.99 21.33 -10.09
N ARG B 290 9.03 21.98 -9.44
CA ARG B 290 8.68 21.61 -8.06
C ARG B 290 8.12 20.21 -8.00
N ALA B 291 7.15 19.90 -8.87
CA ALA B 291 6.51 18.59 -8.83
C ALA B 291 7.49 17.47 -9.16
N ALA B 292 8.47 17.74 -10.01
CA ALA B 292 9.46 16.72 -10.34
C ALA B 292 10.36 16.42 -9.15
N HIS B 293 10.90 17.46 -8.51
CA HIS B 293 11.72 17.26 -7.33
C HIS B 293 10.92 16.73 -6.15
N HIS B 294 9.60 16.97 -6.12
CA HIS B 294 8.74 16.39 -5.10
C HIS B 294 8.43 14.92 -5.35
N GLY B 295 8.98 14.33 -6.41
CA GLY B 295 8.91 12.91 -6.62
C GLY B 295 7.80 12.42 -7.54
N PRO B 297 6.10 11.08 -10.64
CA PRO B 297 6.66 10.45 -11.85
C PRO B 297 6.27 11.15 -13.14
N LEU B 298 5.02 11.61 -13.25
CA LEU B 298 4.59 12.27 -14.48
C LEU B 298 5.33 13.58 -14.71
N ALA B 299 5.60 14.33 -13.63
CA ALA B 299 6.38 15.55 -13.77
C ALA B 299 7.82 15.26 -14.12
N GLN B 300 8.42 14.24 -13.47
CA GLN B 300 9.78 13.84 -13.82
C GLN B 300 9.88 13.41 -15.28
N TYR B 301 8.81 12.83 -15.83
CA TYR B 301 8.82 12.42 -17.22
C TYR B 301 8.89 13.63 -18.14
N LEU B 302 8.05 14.64 -17.90
CA LEU B 302 8.06 15.83 -18.74
C LEU B 302 9.35 16.62 -18.58
N GLY B 304 12.18 15.08 -18.27
CA GLY B 304 13.00 14.35 -19.22
C GLY B 304 12.72 14.76 -20.65
N ALA B 306 11.64 17.67 -21.53
CA ALA B 306 12.11 19.05 -21.67
C ALA B 306 13.57 19.07 -22.08
N TYR B 307 14.42 18.33 -21.37
CA TYR B 307 15.85 18.33 -21.67
C TYR B 307 16.23 17.38 -22.79
N LEU B 308 15.30 16.55 -23.27
CA LEU B 308 15.56 15.74 -24.45
C LEU B 308 15.36 16.56 -25.73
N GLU B 309 14.16 17.11 -25.90
CA GLU B 309 13.89 18.04 -27.00
C GLU B 309 14.44 19.40 -26.61
N GLY B 310 15.53 19.81 -27.25
CA GLY B 310 16.19 21.06 -26.86
C GLY B 310 15.43 22.30 -27.27
N LYS B 311 14.13 22.35 -26.96
CA LYS B 311 13.27 23.45 -27.39
C LYS B 311 13.10 24.50 -26.28
N SER B 312 12.47 24.12 -25.16
CA SER B 312 12.27 25.07 -24.08
C SER B 312 13.52 25.27 -23.24
N VAL B 313 14.41 24.28 -23.20
CA VAL B 313 15.67 24.39 -22.46
C VAL B 313 16.79 23.86 -23.35
N PRO B 314 18.03 24.23 -23.06
CA PRO B 314 19.16 23.64 -23.80
C PRO B 314 19.19 22.13 -23.64
N GLN B 315 19.36 21.44 -24.76
CA GLN B 315 19.36 19.98 -24.75
C GLN B 315 20.49 19.45 -23.87
N ASP B 316 20.15 18.48 -23.01
CA ASP B 316 21.13 17.88 -22.10
C ASP B 316 20.74 16.40 -21.97
N LEU B 317 21.29 15.57 -22.85
CA LEU B 317 20.91 14.16 -22.90
C LEU B 317 21.17 13.42 -21.59
N PRO B 318 22.30 13.60 -20.89
CA PRO B 318 22.44 12.91 -19.59
C PRO B 318 21.38 13.31 -18.57
N VAL B 319 20.98 14.58 -18.55
CA VAL B 319 19.96 15.03 -17.61
C VAL B 319 18.60 14.47 -17.99
N ALA B 320 18.31 14.38 -19.29
CA ALA B 320 17.05 13.80 -19.73
C ALA B 320 16.94 12.35 -19.31
N ALA B 321 18.01 11.57 -19.49
CA ALA B 321 18.01 10.18 -19.02
C ALA B 321 17.93 10.12 -17.50
N ALA B 322 18.48 11.12 -16.80
CA ALA B 322 18.39 11.14 -15.35
C ALA B 322 16.94 11.32 -14.89
N TRP B 323 16.20 12.24 -15.53
CA TRP B 323 14.80 12.41 -15.18
C TRP B 323 13.98 11.21 -15.62
N PHE B 324 14.28 10.65 -16.80
CA PHE B 324 13.58 9.45 -17.26
C PHE B 324 13.79 8.30 -16.28
N TYR B 325 15.01 8.12 -15.78
CA TYR B 325 15.29 7.06 -14.83
C TYR B 325 14.48 7.24 -13.55
N LYS B 326 14.44 8.48 -13.02
CA LYS B 326 13.67 8.74 -11.82
C LYS B 326 12.19 8.45 -12.01
N ALA B 327 11.68 8.68 -13.22
CA ALA B 327 10.29 8.37 -13.53
C ALA B 327 10.10 6.93 -13.98
N ALA B 328 11.13 6.30 -14.54
CA ALA B 328 10.99 4.92 -15.01
C ALA B 328 10.82 3.95 -13.85
N GLN B 330 9.24 4.42 -11.25
CA GLN B 330 7.95 4.66 -10.62
C GLN B 330 6.79 4.24 -11.52
N GLY B 331 7.07 3.41 -12.53
CA GLY B 331 6.03 2.83 -13.35
C GLY B 331 5.71 3.58 -14.64
N ASN B 332 6.35 4.72 -14.89
CA ASN B 332 6.04 5.51 -16.08
C ASN B 332 6.53 4.76 -17.32
N ALA B 333 5.60 4.24 -18.11
CA ALA B 333 5.95 3.36 -19.22
C ALA B 333 6.62 4.10 -20.36
N ASP B 334 6.50 5.43 -20.42
CA ASP B 334 7.17 6.20 -21.47
C ASP B 334 8.61 6.55 -21.12
N ALA B 335 8.90 6.81 -19.83
CA ALA B 335 10.30 6.95 -19.44
C ALA B 335 11.05 5.63 -19.61
N GLN B 336 10.40 4.52 -19.27
CA GLN B 336 11.03 3.21 -19.42
C GLN B 336 11.37 2.93 -20.88
N LEU B 337 10.43 3.20 -21.79
CA LEU B 337 10.68 3.04 -23.22
C LEU B 337 11.81 3.93 -23.68
N ARG B 338 11.79 5.21 -23.27
CA ARG B 338 12.81 6.14 -23.73
C ARG B 338 14.16 5.87 -23.08
N LEU B 339 14.17 5.57 -21.78
CA LEU B 339 15.43 5.21 -21.14
C LEU B 339 16.00 3.91 -21.70
N GLY B 340 15.12 2.97 -22.04
CA GLY B 340 15.58 1.73 -22.65
C GLY B 340 16.25 1.96 -23.99
N TYR B 341 15.65 2.79 -24.84
CA TYR B 341 16.25 3.09 -26.13
C TYR B 341 17.58 3.80 -25.97
N TYR B 343 19.59 3.54 -23.46
CA TYR B 343 20.55 2.52 -23.02
C TYR B 343 21.01 1.64 -24.17
N ALA B 344 20.14 1.41 -25.16
CA ALA B 344 20.52 0.54 -26.27
C ALA B 344 21.45 1.25 -27.24
N ARG B 345 21.22 2.53 -27.49
CA ARG B 345 22.00 3.28 -28.48
C ARG B 345 23.07 4.16 -27.84
N GLY B 346 23.17 4.19 -26.52
CA GLY B 346 24.16 5.01 -25.86
C GLY B 346 23.90 6.50 -26.02
N ILE B 347 22.75 6.95 -25.53
CA ILE B 347 22.34 8.35 -25.62
C ILE B 347 22.20 8.88 -24.20
N GLY B 348 23.07 9.82 -23.84
CA GLY B 348 23.14 10.31 -22.47
C GLY B 348 23.62 9.30 -21.46
N VAL B 349 23.79 8.05 -21.86
CA VAL B 349 24.28 6.98 -20.99
C VAL B 349 25.18 6.08 -21.81
N PRO B 350 26.08 5.34 -21.14
CA PRO B 350 26.90 4.35 -21.87
C PRO B 350 26.01 3.28 -22.50
N VAL B 351 26.51 2.70 -23.59
CA VAL B 351 25.78 1.63 -24.26
C VAL B 351 25.68 0.44 -23.33
N ASP B 352 24.46 -0.04 -23.08
CA ASP B 352 24.23 -1.08 -22.08
C ASP B 352 22.98 -1.87 -22.52
N LYS B 353 23.22 -2.95 -23.27
CA LYS B 353 22.13 -3.76 -23.81
C LYS B 353 21.35 -4.52 -22.73
N PRO B 354 22.01 -5.12 -21.73
CA PRO B 354 21.22 -5.76 -20.66
C PRO B 354 20.32 -4.78 -19.91
N LYS B 355 20.79 -3.56 -19.65
CA LYS B 355 19.91 -2.57 -19.04
C LYS B 355 18.85 -2.09 -20.01
N ALA B 356 19.16 -2.02 -21.30
CA ALA B 356 18.18 -1.57 -22.28
C ALA B 356 17.02 -2.55 -22.39
N VAL B 357 17.32 -3.84 -22.54
CA VAL B 357 16.25 -4.83 -22.63
C VAL B 357 15.51 -4.94 -21.30
N ALA B 358 16.19 -4.66 -20.19
CA ALA B 358 15.53 -4.70 -18.89
C ALA B 358 14.45 -3.63 -18.80
N TRP B 359 14.71 -2.44 -19.35
CA TRP B 359 13.73 -1.37 -19.33
C TRP B 359 12.69 -1.54 -20.43
N LEU B 360 13.12 -1.98 -21.61
CA LEU B 360 12.18 -2.09 -22.73
C LEU B 360 11.09 -3.13 -22.46
N GLU B 361 11.46 -4.26 -21.86
CA GLU B 361 10.45 -5.27 -21.58
C GLU B 361 9.59 -4.90 -20.39
N LYS B 362 10.10 -4.07 -19.47
CA LYS B 362 9.28 -3.61 -18.36
C LYS B 362 8.23 -2.61 -18.84
N ALA B 363 8.54 -1.87 -19.90
CA ALA B 363 7.56 -0.99 -20.53
C ALA B 363 6.67 -1.75 -21.50
N ALA B 364 7.23 -2.74 -22.21
CA ALA B 364 6.41 -3.55 -23.10
C ALA B 364 5.40 -4.38 -22.33
N SER B 365 5.70 -4.69 -21.06
CA SER B 365 4.73 -5.40 -20.23
C SER B 365 3.56 -4.50 -19.84
N ALA B 366 3.78 -3.19 -19.80
CA ALA B 366 2.71 -2.24 -19.51
C ALA B 366 1.77 -2.03 -20.69
N GLY B 367 2.16 -2.46 -21.89
CA GLY B 367 1.33 -2.30 -23.06
C GLY B 367 1.86 -1.33 -24.10
N ASN B 368 3.12 -0.93 -24.01
CA ASN B 368 3.69 0.01 -24.96
C ASN B 368 4.04 -0.74 -26.24
N THR B 369 3.38 -0.38 -27.34
CA THR B 369 3.55 -1.10 -28.60
C THR B 369 4.97 -0.93 -29.13
N VAL B 370 5.42 0.33 -29.29
CA VAL B 370 6.72 0.58 -29.88
C VAL B 370 7.86 0.11 -28.97
N ALA B 371 7.59 -0.09 -27.67
CA ALA B 371 8.62 -0.63 -26.79
C ALA B 371 8.92 -2.09 -27.14
N GLY B 372 7.90 -2.86 -27.52
CA GLY B 372 8.13 -4.23 -27.95
C GLY B 372 8.72 -4.33 -29.33
N GLN B 373 8.51 -3.33 -30.17
CA GLN B 373 9.09 -3.35 -31.52
C GLN B 373 10.61 -3.25 -31.46
N TRP B 374 11.12 -2.33 -30.64
CA TRP B 374 12.57 -2.23 -30.46
C TRP B 374 13.13 -3.45 -29.76
N LEU B 375 12.31 -4.12 -28.95
CA LEU B 375 12.77 -5.35 -28.30
C LEU B 375 12.98 -6.46 -29.33
N LYS B 376 12.13 -6.52 -30.35
CA LYS B 376 12.30 -7.52 -31.40
C LYS B 376 13.49 -7.22 -32.29
N GLN B 377 13.92 -5.96 -32.36
CA GLN B 377 15.09 -5.58 -33.14
C GLN B 377 16.40 -5.85 -32.41
N LEU B 378 16.34 -6.28 -31.15
CA LEU B 378 17.52 -6.60 -30.37
C LEU B 378 17.60 -8.09 -30.04
N ASP B 379 17.13 -8.94 -30.95
CA ASP B 379 17.14 -10.39 -30.78
C ASP B 379 16.38 -10.81 -29.53
#